data_2I7C
#
_entry.id   2I7C
#
_cell.length_a   198.168
_cell.length_b   134.685
_cell.length_c   48.500
_cell.angle_alpha   90.00
_cell.angle_beta   95.44
_cell.angle_gamma   90.00
#
_symmetry.space_group_name_H-M   'C 1 2 1'
#
loop_
_entity.id
_entity.type
_entity.pdbx_description
1 polymer 'Spermidine synthase'
2 non-polymer S-ADENOSYL-1,8-DIAMINO-3-THIOOCTANE
3 non-polymer 2-(2-{2-[2-(2-METHOXY-ETHOXY)-ETHOXY]-ETHOXY}-ETHOXY)-ETHANOL
4 non-polymer GLYCEROL
5 water water
#
_entity_poly.entity_id   1
_entity_poly.type   'polypeptide(L)'
_entity_poly.pdbx_seq_one_letter_code
;GSKKWFSEFSIMWPGQAFSLKIKKILYETKSKYQNVLVFESTTYGKVLVLDGVIQLTEKDEFAYHEMMTHVPMTVSKEPK
NVLVVGGGDGGIIRELCKYKSVENIDICEIDETVIEVSKIYFKNISCGYEDKRVNVFIEDASKFLENVTNTYDVIIVDSS
DPIGPAETLFNQNFYEKIYNALKPNGYCVAQCESLWIHVGTIKNMIGYAKKLFKKVEYANISIPTYPCGCIGILCCSKTD
TGLTKPNKKLESKEFADLKYYNYENHSAAFKLPAFLLKEIENI
;
_entity_poly.pdbx_strand_id   A,B,C
#
loop_
_chem_comp.id
_chem_comp.type
_chem_comp.name
_chem_comp.formula
1PG non-polymer 2-(2-{2-[2-(2-METHOXY-ETHOXY)-ETHOXY]-ETHOXY}-ETHOXY)-ETHANOL 'C11 H24 O6'
AAT non-polymer S-ADENOSYL-1,8-DIAMINO-3-THIOOCTANE 'C18 H29 N7 O3 S'
GOL non-polymer GLYCEROL 'C3 H8 O3'
#
# COMPACT_ATOMS: atom_id res chain seq x y z
N LYS A 3 20.41 13.65 23.30
CA LYS A 3 19.87 12.26 23.23
C LYS A 3 18.92 11.97 24.39
N LYS A 4 17.78 11.32 24.07
CA LYS A 4 16.82 10.95 25.10
C LYS A 4 17.18 9.58 25.68
N TRP A 5 16.51 9.22 26.77
CA TRP A 5 16.73 7.95 27.47
C TRP A 5 15.47 7.10 27.46
N PHE A 6 15.63 5.78 27.32
CA PHE A 6 14.53 4.86 27.56
C PHE A 6 14.60 4.41 29.01
N SER A 7 13.48 4.41 29.71
CA SER A 7 13.40 3.93 31.11
C SER A 7 12.38 2.81 31.30
N GLU A 8 12.79 1.75 31.98
CA GLU A 8 11.98 0.54 32.16
C GLU A 8 11.26 0.51 33.52
N PHE A 9 9.97 0.82 33.50
CA PHE A 9 9.13 0.78 34.70
C PHE A 9 8.16 -0.39 34.63
N SER A 10 7.84 -0.95 35.80
CA SER A 10 6.82 -1.99 35.91
C SER A 10 6.36 -2.13 37.36
N ILE A 11 5.09 -2.49 37.53
CA ILE A 11 4.57 -2.86 38.84
C ILE A 11 5.19 -4.17 39.34
N MET A 12 5.82 -4.90 38.43
N MET A 12 5.79 -4.95 38.43
CA MET A 12 6.54 -6.14 38.74
CA MET A 12 6.53 -6.15 38.82
C MET A 12 7.89 -5.86 39.42
C MET A 12 7.83 -5.82 39.57
N TRP A 13 8.35 -4.61 39.35
CA TRP A 13 9.54 -4.15 40.09
C TRP A 13 9.34 -2.70 40.57
N PRO A 14 8.47 -2.53 41.59
CA PRO A 14 8.11 -1.17 42.03
C PRO A 14 9.29 -0.43 42.65
N GLY A 15 9.39 0.88 42.44
CA GLY A 15 10.38 1.69 43.12
C GLY A 15 11.80 1.64 42.56
N GLN A 16 11.97 0.94 41.45
CA GLN A 16 13.25 0.88 40.75
C GLN A 16 13.05 1.00 39.25
N ALA A 17 14.10 1.47 38.56
CA ALA A 17 14.10 1.53 37.09
C ALA A 17 15.50 1.49 36.53
N PHE A 18 15.65 0.82 35.39
CA PHE A 18 16.90 0.80 34.64
C PHE A 18 16.68 1.62 33.36
N SER A 19 17.67 2.42 32.98
CA SER A 19 17.57 3.25 31.79
C SER A 19 18.73 3.05 30.81
N LEU A 20 18.44 3.19 29.51
CA LEU A 20 19.46 3.15 28.47
C LEU A 20 19.37 4.41 27.60
N LYS A 21 20.52 5.02 27.30
CA LYS A 21 20.52 6.19 26.42
C LYS A 21 20.26 5.73 24.99
N ILE A 22 19.39 6.49 24.30
CA ILE A 22 18.94 6.16 22.94
C ILE A 22 19.79 6.89 21.92
N LYS A 23 20.47 6.12 21.07
CA LYS A 23 21.16 6.70 19.92
C LYS A 23 20.12 7.07 18.85
N LYS A 24 19.22 6.12 18.56
CA LYS A 24 18.13 6.37 17.61
C LYS A 24 17.01 5.32 17.70
N ILE A 25 15.76 5.79 17.56
CA ILE A 25 14.62 4.88 17.52
C ILE A 25 14.51 4.29 16.10
N LEU A 26 14.32 2.97 16.03
CA LEU A 26 14.29 2.26 14.75
C LEU A 26 12.89 1.84 14.29
N TYR A 27 12.04 1.44 15.23
CA TYR A 27 10.70 0.92 14.90
C TYR A 27 9.78 0.89 16.11
N GLU A 28 8.52 1.27 15.91
CA GLU A 28 7.47 1.18 16.93
C GLU A 28 6.13 0.74 16.31
N THR A 29 5.42 -0.15 16.99
CA THR A 29 4.06 -0.54 16.57
C THR A 29 3.26 -1.10 17.76
N LYS A 30 1.93 -1.10 17.64
CA LYS A 30 1.08 -1.86 18.55
C LYS A 30 0.65 -3.11 17.79
N SER A 31 1.17 -4.28 18.16
CA SER A 31 0.73 -5.51 17.52
C SER A 31 -0.62 -5.95 18.11
N LYS A 32 -1.11 -7.11 17.68
CA LYS A 32 -2.32 -7.71 18.25
C LYS A 32 -2.22 -7.93 19.76
N TYR A 33 -1.00 -8.08 20.27
CA TYR A 33 -0.77 -8.52 21.64
C TYR A 33 -0.08 -7.51 22.57
N GLN A 34 0.78 -6.66 22.01
CA GLN A 34 1.65 -5.80 22.80
C GLN A 34 2.26 -4.65 22.01
N ASN A 35 2.71 -3.63 22.73
CA ASN A 35 3.48 -2.54 22.15
C ASN A 35 4.92 -3.00 21.86
N VAL A 36 5.39 -2.65 20.68
CA VAL A 36 6.72 -3.08 20.23
C VAL A 36 7.56 -1.82 20.02
N LEU A 37 8.75 -1.81 20.61
CA LEU A 37 9.74 -0.74 20.42
C LEU A 37 11.13 -1.33 20.15
N VAL A 38 11.77 -0.85 19.08
CA VAL A 38 13.14 -1.24 18.74
C VAL A 38 13.96 0.04 18.68
N PHE A 39 15.06 0.10 19.41
CA PHE A 39 15.97 1.25 19.30
C PHE A 39 17.45 0.86 19.38
N GLU A 40 18.30 1.68 18.77
CA GLU A 40 19.73 1.54 18.97
CA GLU A 40 19.73 1.56 18.95
C GLU A 40 20.12 2.34 20.19
N SER A 41 20.65 1.64 21.20
CA SER A 41 21.14 2.30 22.39
C SER A 41 22.56 2.81 22.10
N THR A 42 23.08 3.66 22.98
CA THR A 42 24.42 4.20 22.78
C THR A 42 25.50 3.16 23.14
N THR A 43 25.24 2.31 24.12
CA THR A 43 26.30 1.42 24.61
C THR A 43 25.96 -0.07 24.68
N TYR A 44 24.69 -0.42 24.46
CA TYR A 44 24.23 -1.81 24.55
C TYR A 44 23.77 -2.38 23.20
N GLY A 45 24.03 -1.65 22.12
CA GLY A 45 23.59 -2.07 20.80
C GLY A 45 22.09 -1.94 20.64
N LYS A 46 21.51 -2.73 19.75
CA LYS A 46 20.07 -2.67 19.53
C LYS A 46 19.27 -3.36 20.66
N VAL A 47 18.12 -2.78 20.97
CA VAL A 47 17.29 -3.18 22.10
C VAL A 47 15.86 -3.43 21.61
N LEU A 48 15.28 -4.55 22.04
CA LEU A 48 13.89 -4.88 21.76
C LEU A 48 13.08 -4.69 23.05
N VAL A 49 11.99 -3.94 22.94
CA VAL A 49 11.15 -3.60 24.09
C VAL A 49 9.71 -4.02 23.81
N LEU A 50 9.13 -4.79 24.71
CA LEU A 50 7.73 -5.18 24.59
C LEU A 50 6.93 -4.72 25.80
N ASP A 51 5.85 -3.95 25.56
CA ASP A 51 5.05 -3.33 26.61
C ASP A 51 5.91 -2.65 27.68
N GLY A 52 6.91 -1.90 27.22
CA GLY A 52 7.77 -1.11 28.10
C GLY A 52 8.83 -1.93 28.84
N VAL A 53 8.90 -3.23 28.59
CA VAL A 53 9.87 -4.11 29.26
C VAL A 53 10.99 -4.52 28.30
N ILE A 54 12.25 -4.40 28.72
CA ILE A 54 13.37 -4.84 27.88
C ILE A 54 13.33 -6.36 27.67
N GLN A 55 13.29 -6.77 26.41
CA GLN A 55 13.28 -8.20 26.05
C GLN A 55 14.68 -8.73 25.82
N LEU A 56 15.49 -7.92 25.15
CA LEU A 56 16.90 -8.25 24.92
C LEU A 56 17.68 -7.03 24.47
N THR A 57 18.99 -7.11 24.62
CA THR A 57 19.89 -6.18 23.97
C THR A 57 21.01 -6.98 23.31
N GLU A 58 21.64 -6.40 22.29
CA GLU A 58 22.73 -7.11 21.60
C GLU A 58 23.92 -7.39 22.51
N LYS A 59 24.18 -6.50 23.46
CA LYS A 59 25.40 -6.59 24.25
C LYS A 59 25.38 -7.81 25.17
N ASP A 60 24.21 -8.16 25.72
CA ASP A 60 24.18 -9.18 26.76
C ASP A 60 23.26 -10.39 26.53
N GLU A 61 22.52 -10.40 25.42
CA GLU A 61 21.52 -11.47 25.22
C GLU A 61 22.11 -12.88 25.27
N PHE A 62 23.37 -13.01 24.87
CA PHE A 62 24.04 -14.31 24.86
C PHE A 62 24.04 -14.99 26.24
N ALA A 63 24.05 -14.20 27.32
CA ALA A 63 24.06 -14.78 28.69
C ALA A 63 22.81 -15.59 28.95
N TYR A 64 21.67 -15.00 28.66
CA TYR A 64 20.38 -15.64 28.84
C TYR A 64 20.16 -16.74 27.82
N HIS A 65 20.43 -16.47 26.55
CA HIS A 65 20.19 -17.49 25.52
C HIS A 65 21.10 -18.71 25.65
N GLU A 66 22.38 -18.50 25.95
CA GLU A 66 23.28 -19.63 26.17
C GLU A 66 22.92 -20.46 27.41
N MET A 67 22.64 -19.82 28.55
CA MET A 67 22.32 -20.61 29.76
C MET A 67 20.99 -21.36 29.63
N MET A 68 19.97 -20.68 29.11
CA MET A 68 18.67 -21.31 28.93
C MET A 68 18.72 -22.55 28.02
N THR A 69 19.57 -22.50 26.99
CA THR A 69 19.61 -23.56 26.00
C THR A 69 20.59 -24.66 26.42
N HIS A 70 21.81 -24.27 26.79
CA HIS A 70 22.86 -25.27 26.98
C HIS A 70 22.78 -26.03 28.29
N VAL A 71 22.13 -25.45 29.31
CA VAL A 71 21.87 -26.22 30.52
C VAL A 71 21.08 -27.52 30.20
N PRO A 72 19.84 -27.43 29.66
CA PRO A 72 19.12 -28.66 29.35
C PRO A 72 19.74 -29.48 28.21
N MET A 73 20.33 -28.80 27.23
CA MET A 73 20.82 -29.53 26.02
C MET A 73 22.11 -30.32 26.24
N THR A 74 22.86 -29.97 27.29
CA THR A 74 24.04 -30.75 27.65
C THR A 74 23.71 -31.85 28.63
N VAL A 75 22.51 -31.83 29.18
CA VAL A 75 22.07 -32.89 30.10
C VAL A 75 21.28 -33.97 29.35
N SER A 76 20.32 -33.54 28.53
CA SER A 76 19.59 -34.47 27.65
C SER A 76 20.60 -35.24 26.79
N LYS A 77 20.51 -36.57 26.81
CA LYS A 77 21.50 -37.44 26.15
C LYS A 77 21.55 -37.27 24.63
N GLU A 78 20.45 -37.56 23.94
CA GLU A 78 20.40 -37.41 22.50
CA GLU A 78 20.39 -37.45 22.49
C GLU A 78 19.12 -36.69 22.09
N PRO A 79 19.04 -35.37 22.41
CA PRO A 79 17.80 -34.66 22.10
C PRO A 79 17.53 -34.58 20.60
N LYS A 80 16.33 -35.02 20.20
CA LYS A 80 15.96 -35.03 18.79
C LYS A 80 14.91 -33.98 18.45
N ASN A 81 13.93 -33.82 19.33
CA ASN A 81 12.82 -32.92 19.13
C ASN A 81 12.76 -31.94 20.29
N VAL A 82 12.81 -30.66 19.96
CA VAL A 82 12.85 -29.60 20.97
C VAL A 82 11.74 -28.59 20.69
N LEU A 83 11.02 -28.21 21.75
CA LEU A 83 10.05 -27.11 21.67
C LEU A 83 10.59 -25.86 22.35
N VAL A 84 10.48 -24.73 21.64
CA VAL A 84 10.66 -23.41 22.29
C VAL A 84 9.29 -22.74 22.44
N VAL A 85 8.91 -22.43 23.68
CA VAL A 85 7.70 -21.66 23.97
C VAL A 85 8.09 -20.17 24.08
N GLY A 86 7.37 -19.29 23.38
CA GLY A 86 7.80 -17.90 23.28
C GLY A 86 8.96 -17.79 22.30
N GLY A 87 10.00 -17.07 22.70
CA GLY A 87 11.25 -16.99 21.91
C GLY A 87 11.20 -16.49 20.47
N GLY A 88 10.22 -15.65 20.16
CA GLY A 88 10.08 -15.10 18.80
C GLY A 88 11.34 -14.42 18.27
N ASP A 89 12.14 -13.84 19.16
CA ASP A 89 13.38 -13.18 18.75
C ASP A 89 14.37 -14.14 18.07
N GLY A 90 14.29 -15.44 18.38
CA GLY A 90 15.19 -16.42 17.75
C GLY A 90 16.45 -16.80 18.52
N GLY A 91 16.76 -16.09 19.61
CA GLY A 91 17.97 -16.36 20.41
C GLY A 91 18.15 -17.83 20.81
N ILE A 92 17.12 -18.42 21.40
CA ILE A 92 17.12 -19.85 21.77
C ILE A 92 17.35 -20.75 20.54
N ILE A 93 16.59 -20.50 19.47
CA ILE A 93 16.72 -21.26 18.22
C ILE A 93 18.15 -21.20 17.68
N ARG A 94 18.78 -20.02 17.75
CA ARG A 94 20.16 -19.85 17.28
C ARG A 94 21.09 -20.84 18.03
N GLU A 95 20.91 -20.90 19.35
CA GLU A 95 21.73 -21.78 20.19
C GLU A 95 21.42 -23.26 19.94
N LEU A 96 20.14 -23.60 19.77
CA LEU A 96 19.70 -24.98 19.46
C LEU A 96 20.25 -25.53 18.14
N CYS A 97 20.34 -24.68 17.11
CA CYS A 97 20.82 -25.09 15.78
C CYS A 97 22.28 -25.53 15.78
N LYS A 98 23.02 -25.16 16.81
CA LYS A 98 24.41 -25.59 16.97
C LYS A 98 24.56 -27.10 17.21
N TYR A 99 23.46 -27.75 17.58
CA TYR A 99 23.46 -29.18 17.89
C TYR A 99 23.09 -29.95 16.63
N LYS A 100 24.08 -30.64 16.05
CA LYS A 100 23.83 -31.42 14.82
C LYS A 100 22.81 -32.56 15.01
N SER A 101 22.77 -33.12 16.22
CA SER A 101 21.87 -34.25 16.52
C SER A 101 20.39 -33.87 16.54
N VAL A 102 20.08 -32.60 16.75
CA VAL A 102 18.70 -32.15 16.75
C VAL A 102 18.11 -32.35 15.37
N GLU A 103 16.92 -32.94 15.32
CA GLU A 103 16.24 -33.24 14.05
C GLU A 103 15.05 -32.29 13.77
N ASN A 104 14.47 -31.75 14.83
CA ASN A 104 13.33 -30.83 14.71
C ASN A 104 13.32 -29.82 15.83
N ILE A 105 13.05 -28.56 15.48
CA ILE A 105 12.83 -27.52 16.48
C ILE A 105 11.50 -26.85 16.19
N ASP A 106 10.53 -27.06 17.08
CA ASP A 106 9.24 -26.36 16.98
C ASP A 106 9.34 -25.10 17.84
N ILE A 107 8.78 -24.01 17.33
CA ILE A 107 8.66 -22.80 18.16
C ILE A 107 7.23 -22.29 18.13
N CYS A 108 6.67 -22.08 19.32
CA CYS A 108 5.33 -21.54 19.44
C CYS A 108 5.42 -20.15 20.06
N GLU A 109 5.31 -19.14 19.19
CA GLU A 109 5.35 -17.71 19.59
C GLU A 109 3.96 -17.10 19.34
N ILE A 110 3.45 -16.36 20.32
CA ILE A 110 2.09 -15.85 20.21
C ILE A 110 1.98 -14.69 19.20
N ASP A 111 3.07 -13.94 19.06
CA ASP A 111 3.07 -12.66 18.34
C ASP A 111 3.99 -12.70 17.12
N GLU A 112 3.41 -12.90 15.93
CA GLU A 112 4.21 -13.00 14.71
C GLU A 112 5.02 -11.73 14.42
N THR A 113 4.53 -10.59 14.94
CA THR A 113 5.24 -9.31 14.78
C THR A 113 6.65 -9.38 15.39
N VAL A 114 6.79 -10.08 16.51
CA VAL A 114 8.09 -10.21 17.16
C VAL A 114 9.06 -10.93 16.22
N ILE A 115 8.61 -12.04 15.64
CA ILE A 115 9.46 -12.78 14.70
C ILE A 115 9.91 -11.90 13.54
N GLU A 116 8.95 -11.21 12.92
CA GLU A 116 9.29 -10.43 11.73
CA GLU A 116 9.21 -10.39 11.74
C GLU A 116 10.16 -9.22 12.08
N VAL A 117 9.91 -8.59 13.23
CA VAL A 117 10.80 -7.52 13.70
C VAL A 117 12.23 -8.04 13.94
N SER A 118 12.36 -9.22 14.53
CA SER A 118 13.67 -9.80 14.79
C SER A 118 14.43 -10.13 13.49
N LYS A 119 13.70 -10.65 12.51
CA LYS A 119 14.30 -10.93 11.19
C LYS A 119 14.80 -9.68 10.49
N ILE A 120 14.13 -8.55 10.71
CA ILE A 120 14.53 -7.28 10.08
C ILE A 120 15.65 -6.57 10.85
N TYR A 121 15.46 -6.43 12.16
CA TYR A 121 16.31 -5.56 12.99
C TYR A 121 17.39 -6.27 13.79
N PHE A 122 17.28 -7.60 13.92
CA PHE A 122 18.23 -8.38 14.74
C PHE A 122 18.73 -9.62 13.99
N LYS A 123 19.34 -9.42 12.83
CA LYS A 123 19.69 -10.55 11.94
C LYS A 123 20.60 -11.62 12.58
N ASN A 124 21.50 -11.19 13.46
CA ASN A 124 22.43 -12.10 14.15
C ASN A 124 21.78 -12.88 15.30
N ILE A 125 20.55 -12.51 15.65
CA ILE A 125 19.81 -13.23 16.69
C ILE A 125 18.82 -14.19 16.02
N SER A 126 18.22 -13.72 14.92
CA SER A 126 17.14 -14.42 14.21
C SER A 126 17.62 -15.34 13.07
N CYS A 127 18.93 -15.55 12.97
CA CYS A 127 19.54 -16.33 11.87
C CYS A 127 19.06 -17.79 11.81
N GLY A 128 18.68 -18.33 12.96
CA GLY A 128 18.20 -19.72 13.07
C GLY A 128 16.92 -20.05 12.30
N TYR A 129 16.12 -19.04 11.97
CA TYR A 129 14.89 -19.27 11.22
C TYR A 129 15.15 -19.83 9.80
N GLU A 130 16.37 -19.60 9.29
CA GLU A 130 16.78 -20.13 7.98
C GLU A 130 17.05 -21.64 8.03
N ASP A 131 17.28 -22.18 9.22
CA ASP A 131 17.54 -23.61 9.39
C ASP A 131 16.30 -24.44 9.07
N LYS A 132 16.48 -25.48 8.24
CA LYS A 132 15.36 -26.26 7.71
C LYS A 132 14.64 -27.08 8.79
N ARG A 133 15.28 -27.24 9.94
CA ARG A 133 14.71 -28.03 11.02
C ARG A 133 13.68 -27.23 11.84
N VAL A 134 13.61 -25.93 11.59
CA VAL A 134 12.81 -25.04 12.43
C VAL A 134 11.39 -24.93 11.87
N ASN A 135 10.41 -25.18 12.72
CA ASN A 135 9.00 -25.05 12.35
C ASN A 135 8.29 -24.07 13.28
N VAL A 136 7.61 -23.10 12.68
CA VAL A 136 7.03 -21.98 13.41
C VAL A 136 5.52 -22.11 13.56
N PHE A 137 5.06 -21.90 14.79
CA PHE A 137 3.65 -21.86 15.14
C PHE A 137 3.35 -20.54 15.82
N ILE A 138 2.35 -19.84 15.28
CA ILE A 138 1.89 -18.57 15.83
C ILE A 138 0.60 -18.83 16.61
N GLU A 139 0.74 -18.93 17.93
CA GLU A 139 -0.34 -19.38 18.80
C GLU A 139 0.05 -19.15 20.26
N ASP A 140 -0.95 -18.98 21.12
CA ASP A 140 -0.72 -18.99 22.56
C ASP A 140 -0.23 -20.39 22.92
N ALA A 141 0.94 -20.48 23.53
CA ALA A 141 1.55 -21.78 23.86
C ALA A 141 0.67 -22.60 24.80
N SER A 142 -0.14 -21.91 25.60
CA SER A 142 -1.12 -22.57 26.45
C SER A 142 -2.08 -23.45 25.63
N LYS A 143 -2.45 -22.97 24.43
CA LYS A 143 -3.31 -23.74 23.52
C LYS A 143 -2.51 -24.77 22.72
N PHE A 144 -1.37 -24.35 22.15
CA PHE A 144 -0.48 -25.27 21.43
C PHE A 144 -0.23 -26.54 22.26
N LEU A 145 0.18 -26.35 23.52
CA LEU A 145 0.53 -27.49 24.39
C LEU A 145 -0.64 -28.38 24.74
N GLU A 146 -1.86 -27.83 24.66
CA GLU A 146 -3.06 -28.62 24.86
CA GLU A 146 -3.12 -28.55 24.81
C GLU A 146 -3.32 -29.54 23.67
N ASN A 147 -2.93 -29.11 22.46
CA ASN A 147 -3.22 -29.85 21.23
C ASN A 147 -2.10 -30.64 20.57
N VAL A 148 -0.86 -30.48 21.01
CA VAL A 148 0.27 -31.09 20.30
C VAL A 148 0.16 -32.63 20.42
N THR A 149 0.48 -33.34 19.34
CA THR A 149 0.47 -34.83 19.38
C THR A 149 1.85 -35.41 19.73
N ASN A 150 2.91 -34.71 19.33
CA ASN A 150 4.27 -35.13 19.57
C ASN A 150 4.65 -34.92 21.03
N THR A 151 5.64 -35.67 21.48
CA THR A 151 6.31 -35.35 22.75
C THR A 151 7.74 -34.91 22.46
N TYR A 152 8.32 -34.10 23.35
CA TYR A 152 9.63 -33.51 23.15
C TYR A 152 10.66 -33.98 24.15
N ASP A 153 11.93 -33.95 23.73
CA ASP A 153 13.04 -34.28 24.61
C ASP A 153 13.35 -33.12 25.55
N VAL A 154 13.22 -31.90 25.02
CA VAL A 154 13.48 -30.68 25.80
C VAL A 154 12.40 -29.64 25.45
N ILE A 155 11.84 -29.01 26.48
CA ILE A 155 11.00 -27.82 26.27
C ILE A 155 11.65 -26.62 26.96
N ILE A 156 11.84 -25.54 26.20
CA ILE A 156 12.44 -24.31 26.74
C ILE A 156 11.36 -23.23 26.74
N VAL A 157 10.96 -22.79 27.94
CA VAL A 157 9.92 -21.78 28.08
C VAL A 157 10.58 -20.39 28.18
N ASP A 158 10.71 -19.76 27.00
CA ASP A 158 11.36 -18.46 26.84
C ASP A 158 10.26 -17.41 26.77
N SER A 159 9.64 -17.15 27.91
CA SER A 159 8.46 -16.29 27.97
C SER A 159 8.83 -14.97 28.61
N SER A 160 8.00 -13.98 28.36
CA SER A 160 8.12 -12.71 29.06
C SER A 160 7.49 -12.86 30.47
N ASP A 161 7.18 -11.72 31.10
CA ASP A 161 6.71 -11.71 32.49
C ASP A 161 5.23 -12.07 32.65
N PRO A 162 4.82 -12.53 33.86
CA PRO A 162 3.43 -12.94 34.13
C PRO A 162 2.35 -11.90 33.85
N ILE A 163 2.72 -10.63 33.76
CA ILE A 163 1.79 -9.57 33.35
C ILE A 163 1.92 -9.31 31.85
N GLY A 164 0.87 -9.67 31.12
CA GLY A 164 0.89 -9.59 29.66
C GLY A 164 0.50 -10.94 29.08
N PRO A 165 0.85 -11.18 27.80
CA PRO A 165 0.49 -12.44 27.12
C PRO A 165 1.06 -13.69 27.78
N ALA A 166 2.13 -13.56 28.55
CA ALA A 166 2.74 -14.71 29.20
C ALA A 166 1.98 -15.15 30.47
N GLU A 167 0.92 -14.42 30.82
CA GLU A 167 0.06 -14.74 31.98
C GLU A 167 -0.41 -16.22 31.99
N THR A 168 -0.71 -16.77 30.82
CA THR A 168 -1.18 -18.16 30.72
C THR A 168 -0.09 -19.22 30.94
N LEU A 169 1.16 -18.78 31.10
CA LEU A 169 2.31 -19.69 31.21
C LEU A 169 2.82 -19.83 32.66
N PHE A 170 2.22 -19.06 33.56
CA PHE A 170 2.66 -19.04 34.96
C PHE A 170 1.58 -19.60 35.89
N ASN A 171 1.18 -20.85 35.64
CA ASN A 171 0.17 -21.53 36.45
C ASN A 171 0.33 -23.05 36.47
N GLN A 172 -0.40 -23.69 37.37
CA GLN A 172 -0.34 -25.15 37.56
C GLN A 172 -0.74 -25.93 36.31
N ASN A 173 -1.82 -25.49 35.65
CA ASN A 173 -2.31 -26.17 34.46
CA ASN A 173 -2.33 -26.14 34.44
C ASN A 173 -1.27 -26.17 33.35
N PHE A 174 -0.52 -25.07 33.20
CA PHE A 174 0.52 -25.01 32.18
C PHE A 174 1.60 -26.07 32.41
N TYR A 175 2.02 -26.24 33.67
CA TYR A 175 3.04 -27.26 34.01
C TYR A 175 2.60 -28.71 33.82
N GLU A 176 1.29 -28.95 33.97
CA GLU A 176 0.68 -30.24 33.61
C GLU A 176 0.82 -30.49 32.11
N LYS A 177 0.59 -29.44 31.32
CA LYS A 177 0.67 -29.53 29.86
C LYS A 177 2.10 -29.78 29.42
N ILE A 178 3.05 -29.11 30.08
CA ILE A 178 4.48 -29.31 29.84
CA ILE A 178 4.47 -29.31 29.85
C ILE A 178 4.89 -30.75 30.16
N TYR A 179 4.53 -31.21 31.37
CA TYR A 179 4.85 -32.59 31.77
C TYR A 179 4.36 -33.60 30.73
N ASN A 180 3.12 -33.46 30.30
CA ASN A 180 2.53 -34.38 29.32
C ASN A 180 3.15 -34.31 27.93
N ALA A 181 3.68 -33.14 27.58
CA ALA A 181 4.29 -32.92 26.27
C ALA A 181 5.76 -33.32 26.22
N LEU A 182 6.28 -33.77 27.36
CA LEU A 182 7.66 -34.27 27.46
C LEU A 182 7.72 -35.79 27.40
N LYS A 183 8.79 -36.30 26.77
CA LYS A 183 9.16 -37.71 26.84
C LYS A 183 9.40 -38.15 28.28
N PRO A 184 9.27 -39.46 28.57
CA PRO A 184 9.46 -39.95 29.94
C PRO A 184 10.74 -39.44 30.64
N ASN A 185 11.79 -39.19 29.87
CA ASN A 185 13.06 -38.67 30.39
C ASN A 185 13.33 -37.24 29.88
N GLY A 186 12.27 -36.53 29.53
CA GLY A 186 12.37 -35.17 29.02
C GLY A 186 12.66 -34.14 30.11
N TYR A 187 13.11 -32.96 29.68
CA TYR A 187 13.46 -31.87 30.60
C TYR A 187 12.76 -30.58 30.17
N CYS A 188 12.38 -29.75 31.14
CA CYS A 188 11.90 -28.42 30.82
C CYS A 188 12.67 -27.37 31.60
N VAL A 189 13.02 -26.27 30.95
CA VAL A 189 13.55 -25.10 31.65
C VAL A 189 12.65 -23.93 31.32
N ALA A 190 12.45 -23.04 32.29
CA ALA A 190 11.54 -21.92 32.08
C ALA A 190 12.08 -20.65 32.70
N GLN A 191 11.90 -19.53 32.00
CA GLN A 191 12.25 -18.21 32.53
C GLN A 191 11.53 -18.00 33.88
N CYS A 192 12.28 -17.68 34.93
CA CYS A 192 11.68 -17.68 36.26
C CYS A 192 12.17 -16.54 37.16
N GLU A 193 12.37 -15.38 36.54
CA GLU A 193 12.39 -14.09 37.25
C GLU A 193 13.59 -13.88 38.18
N SER A 194 13.58 -12.79 38.95
CA SER A 194 14.75 -12.40 39.71
C SER A 194 14.63 -12.76 41.18
N LEU A 195 15.65 -13.43 41.70
CA LEU A 195 15.70 -13.83 43.11
C LEU A 195 15.70 -12.63 44.07
N TRP A 196 16.05 -11.45 43.55
CA TRP A 196 16.14 -10.26 44.39
C TRP A 196 14.79 -9.61 44.67
N ILE A 197 13.82 -9.84 43.79
CA ILE A 197 12.52 -9.18 43.93
C ILE A 197 11.29 -10.07 43.74
N HIS A 198 11.48 -11.27 43.20
CA HIS A 198 10.35 -12.12 42.80
C HIS A 198 10.26 -13.45 43.55
N VAL A 199 10.66 -13.48 44.82
CA VAL A 199 10.66 -14.76 45.57
C VAL A 199 9.27 -15.39 45.66
N GLY A 200 8.23 -14.56 45.81
CA GLY A 200 6.84 -15.05 45.80
C GLY A 200 6.51 -15.84 44.55
N THR A 201 6.81 -15.26 43.40
CA THR A 201 6.61 -15.93 42.11
C THR A 201 7.44 -17.22 42.02
N ILE A 202 8.72 -17.13 42.39
CA ILE A 202 9.63 -18.27 42.37
C ILE A 202 9.06 -19.44 43.21
N LYS A 203 8.62 -19.14 44.43
CA LYS A 203 8.01 -20.16 45.29
C LYS A 203 6.78 -20.78 44.66
N ASN A 204 5.92 -19.93 44.08
CA ASN A 204 4.72 -20.41 43.41
C ASN A 204 5.07 -21.36 42.27
N MET A 205 5.99 -20.94 41.42
CA MET A 205 6.41 -21.74 40.25
C MET A 205 7.06 -23.06 40.65
N ILE A 206 7.96 -23.01 41.65
CA ILE A 206 8.54 -24.26 42.17
C ILE A 206 7.45 -25.20 42.68
N GLY A 207 6.48 -24.67 43.41
CA GLY A 207 5.36 -25.45 43.92
C GLY A 207 4.57 -26.14 42.81
N TYR A 208 4.30 -25.41 41.72
CA TYR A 208 3.62 -25.97 40.55
C TYR A 208 4.41 -27.11 39.93
N ALA A 209 5.71 -26.90 39.75
CA ALA A 209 6.58 -27.88 39.12
C ALA A 209 6.73 -29.16 39.96
N LYS A 210 6.84 -28.98 41.27
CA LYS A 210 7.03 -30.10 42.22
C LYS A 210 5.84 -31.04 42.30
N LYS A 211 4.65 -30.55 41.92
CA LYS A 211 3.45 -31.37 41.91
C LYS A 211 3.54 -32.48 40.87
N LEU A 212 4.42 -32.30 39.89
CA LEU A 212 4.52 -33.21 38.74
C LEU A 212 5.92 -33.77 38.51
N PHE A 213 6.94 -32.93 38.70
CA PHE A 213 8.32 -33.31 38.43
C PHE A 213 9.01 -33.84 39.67
N LYS A 214 9.82 -34.87 39.51
CA LYS A 214 10.47 -35.44 40.64
C LYS A 214 11.67 -34.64 41.09
N LYS A 215 12.23 -33.84 40.19
CA LYS A 215 13.35 -32.96 40.52
C LYS A 215 13.15 -31.57 39.94
N VAL A 216 13.05 -30.60 40.84
CA VAL A 216 12.84 -29.19 40.49
C VAL A 216 13.97 -28.35 41.09
N GLU A 217 14.70 -27.65 40.23
CA GLU A 217 15.89 -26.91 40.63
C GLU A 217 15.82 -25.49 40.07
N TYR A 218 16.64 -24.61 40.61
CA TYR A 218 16.61 -23.21 40.20
C TYR A 218 18.04 -22.72 39.98
N ALA A 219 18.28 -22.08 38.83
CA ALA A 219 19.59 -21.54 38.50
C ALA A 219 19.51 -20.04 38.25
N ASN A 220 20.61 -19.33 38.50
CA ASN A 220 20.65 -17.89 38.28
C ASN A 220 21.63 -17.49 37.18
N ILE A 221 21.22 -16.52 36.36
CA ILE A 221 22.04 -15.99 35.26
C ILE A 221 22.34 -14.51 35.52
N SER A 222 23.59 -14.10 35.39
CA SER A 222 23.97 -12.67 35.42
C SER A 222 23.73 -12.04 34.06
N ILE A 223 22.84 -11.04 34.03
CA ILE A 223 22.53 -10.31 32.80
C ILE A 223 22.05 -8.91 33.17
N PRO A 224 22.84 -7.88 32.81
CA PRO A 224 22.61 -6.53 33.35
C PRO A 224 21.29 -5.87 32.97
N THR A 225 20.72 -6.21 31.81
CA THR A 225 19.52 -5.51 31.32
C THR A 225 18.19 -6.19 31.65
N TYR A 226 18.23 -7.20 32.50
CA TYR A 226 16.99 -7.65 33.15
C TYR A 226 16.97 -7.07 34.56
N PRO A 227 15.76 -6.78 35.10
CA PRO A 227 15.66 -6.12 36.41
C PRO A 227 16.48 -6.84 37.48
N CYS A 228 17.20 -6.04 38.28
CA CYS A 228 18.10 -6.53 39.34
C CYS A 228 19.39 -7.20 38.80
N GLY A 229 19.57 -7.19 37.48
CA GLY A 229 20.80 -7.69 36.83
C GLY A 229 20.93 -9.21 36.81
N CYS A 230 19.80 -9.90 36.99
CA CYS A 230 19.81 -11.36 36.96
C CYS A 230 18.41 -11.90 36.68
N ILE A 231 18.38 -13.13 36.21
CA ILE A 231 17.11 -13.80 35.97
C ILE A 231 17.34 -15.31 36.14
N GLY A 232 16.32 -15.99 36.65
CA GLY A 232 16.43 -17.40 36.99
C GLY A 232 15.87 -18.36 35.95
N ILE A 233 16.34 -19.60 36.05
CA ILE A 233 15.86 -20.70 35.22
C ILE A 233 15.22 -21.71 36.17
N LEU A 234 13.92 -21.93 36.00
CA LEU A 234 13.28 -23.05 36.67
C LEU A 234 13.52 -24.35 35.88
N CYS A 235 14.07 -25.35 36.56
CA CYS A 235 14.61 -26.53 35.89
C CYS A 235 13.85 -27.75 36.36
N CYS A 236 13.23 -28.45 35.40
CA CYS A 236 12.26 -29.50 35.72
C CYS A 236 12.68 -30.83 35.09
N SER A 237 12.86 -31.85 35.93
CA SER A 237 13.29 -33.17 35.48
C SER A 237 12.34 -34.26 35.94
N LYS A 238 12.20 -35.30 35.11
CA LYS A 238 11.41 -36.47 35.47
C LYS A 238 12.28 -37.55 36.14
N THR A 239 13.59 -37.38 36.13
CA THR A 239 14.45 -38.23 36.93
C THR A 239 15.16 -37.51 38.08
N ASP A 240 15.56 -38.09 38.62
CA ASP A 240 16.07 -37.53 39.85
C ASP A 240 17.56 -37.18 39.72
N THR A 241 18.12 -37.38 38.96
CA THR A 241 19.45 -36.84 38.63
C THR A 241 19.48 -35.31 38.36
N GLY A 242 18.40 -34.79 37.80
CA GLY A 242 18.22 -33.33 37.66
C GLY A 242 19.06 -32.71 36.55
N LEU A 243 19.19 -31.38 36.61
CA LEU A 243 19.83 -30.61 35.54
C LEU A 243 21.13 -29.87 35.92
N THR A 244 21.70 -30.16 37.10
CA THR A 244 22.86 -29.40 37.59
C THR A 244 24.21 -29.82 36.99
N LYS A 245 24.24 -31.02 36.43
CA LYS A 245 25.49 -31.62 35.95
C LYS A 245 25.40 -32.00 34.47
N PRO A 246 26.15 -31.31 33.59
CA PRO A 246 26.18 -31.65 32.16
C PRO A 246 26.80 -33.02 31.89
N ASN A 247 26.28 -33.67 30.86
CA ASN A 247 26.72 -35.00 30.43
C ASN A 247 27.68 -34.95 29.26
N LYS A 248 27.90 -33.76 28.71
CA LYS A 248 28.74 -33.58 27.54
C LYS A 248 29.46 -32.23 27.57
N LYS A 249 30.61 -32.16 26.91
CA LYS A 249 31.32 -30.90 26.71
C LYS A 249 31.08 -30.38 25.29
N LEU A 250 30.86 -29.07 25.16
CA LEU A 250 30.57 -28.47 23.87
C LEU A 250 31.87 -28.10 23.16
N GLU A 251 32.42 -29.08 22.45
CA GLU A 251 33.77 -28.97 21.90
C GLU A 251 33.86 -28.76 20.38
N SER A 252 32.81 -29.12 19.66
CA SER A 252 32.77 -28.96 18.19
C SER A 252 32.83 -27.49 17.73
N LYS A 253 33.14 -27.27 16.46
CA LYS A 253 33.37 -25.91 15.91
C LYS A 253 32.17 -24.95 16.08
N GLU A 254 30.96 -25.51 16.12
CA GLU A 254 29.71 -24.75 16.26
C GLU A 254 29.61 -24.01 17.59
N PHE A 255 30.31 -24.53 18.61
CA PHE A 255 30.27 -23.94 19.95
C PHE A 255 31.49 -23.10 20.30
N ALA A 256 32.43 -22.98 19.35
CA ALA A 256 33.66 -22.21 19.58
C ALA A 256 33.34 -20.75 19.94
N ASP A 257 32.17 -20.28 19.53
CA ASP A 257 31.76 -18.88 19.68
C ASP A 257 31.08 -18.50 21.02
N LEU A 258 30.91 -19.47 21.92
CA LEU A 258 30.14 -19.25 23.15
C LEU A 258 30.80 -18.18 23.98
N LYS A 259 29.98 -17.30 24.55
CA LYS A 259 30.48 -16.13 25.27
C LYS A 259 30.18 -16.15 26.78
N TYR A 260 29.34 -17.08 27.22
CA TYR A 260 28.95 -17.14 28.63
C TYR A 260 29.05 -18.56 29.17
N TYR A 261 28.29 -19.47 28.55
CA TYR A 261 28.18 -20.85 29.02
C TYR A 261 29.53 -21.57 28.94
N ASN A 262 29.86 -22.27 30.02
CA ASN A 262 30.85 -23.36 29.95
C ASN A 262 30.52 -24.46 30.93
N TYR A 263 31.29 -25.53 30.88
CA TYR A 263 31.03 -26.74 31.66
C TYR A 263 30.94 -26.44 33.18
N GLU A 264 31.86 -25.60 33.65
CA GLU A 264 31.93 -25.25 35.06
C GLU A 264 30.82 -24.30 35.51
N ASN A 265 30.51 -23.28 34.70
CA ASN A 265 29.49 -22.36 35.19
CA ASN A 265 29.44 -22.30 34.98
C ASN A 265 28.06 -22.93 35.07
N HIS A 266 27.89 -24.00 34.31
CA HIS A 266 26.63 -24.76 34.29
C HIS A 266 26.25 -25.11 35.73
N SER A 267 27.14 -25.82 36.43
CA SER A 267 26.87 -26.27 37.78
CA SER A 267 26.85 -26.27 37.79
C SER A 267 26.85 -25.09 38.77
N ALA A 268 27.72 -24.10 38.54
CA ALA A 268 27.82 -22.94 39.43
C ALA A 268 26.52 -22.14 39.53
N ALA A 269 25.74 -22.14 38.44
CA ALA A 269 24.52 -21.33 38.35
C ALA A 269 23.48 -21.76 39.37
N PHE A 270 23.61 -23.01 39.84
CA PHE A 270 22.64 -23.62 40.75
C PHE A 270 22.99 -23.41 42.23
N LYS A 271 24.11 -22.73 42.48
CA LYS A 271 24.57 -22.48 43.85
C LYS A 271 24.00 -21.12 44.26
N LEU A 272 22.91 -21.16 45.02
CA LEU A 272 22.09 -19.97 45.26
C LEU A 272 22.41 -19.28 46.58
N PRO A 273 22.09 -17.97 46.68
CA PRO A 273 22.32 -17.23 47.95
C PRO A 273 21.54 -17.83 49.11
N ALA A 274 22.10 -17.76 50.31
CA ALA A 274 21.52 -18.39 51.49
C ALA A 274 20.03 -18.04 51.71
N PHE A 275 19.65 -16.78 51.54
CA PHE A 275 18.27 -16.37 51.81
C PHE A 275 17.26 -17.08 50.91
N LEU A 276 17.66 -17.33 49.67
CA LEU A 276 16.78 -18.00 48.70
C LEU A 276 16.57 -19.47 49.06
N LEU A 277 17.65 -20.16 49.42
CA LEU A 277 17.56 -21.54 49.88
C LEU A 277 16.62 -21.68 51.08
N LYS A 278 16.69 -20.73 52.01
CA LYS A 278 15.80 -20.74 53.17
C LYS A 278 14.32 -20.59 52.79
N GLU A 279 14.02 -19.73 51.81
CA GLU A 279 12.65 -19.44 51.42
C GLU A 279 11.96 -20.63 50.73
N ILE A 280 12.75 -21.39 50.00
CA ILE A 280 12.21 -22.45 49.16
C ILE A 280 12.29 -23.82 49.80
N GLU A 281 12.86 -23.90 51.01
CA GLU A 281 13.15 -25.21 51.61
C GLU A 281 11.93 -26.07 51.97
N ASN A 282 10.82 -25.44 52.37
CA ASN A 282 9.63 -26.18 52.83
C ASN A 282 8.49 -26.29 51.80
N ILE A 283 8.76 -25.94 50.55
CA ILE A 283 7.76 -26.01 49.48
C ILE A 283 7.35 -27.47 49.23
N LYS B 3 18.41 15.77 0.95
CA LYS B 3 17.22 14.87 0.90
C LYS B 3 16.93 14.37 -0.53
N LYS B 4 16.77 13.05 -0.65
CA LYS B 4 16.79 12.34 -1.92
C LYS B 4 15.39 12.14 -2.51
N TRP B 5 15.36 11.79 -3.80
CA TRP B 5 14.13 11.43 -4.50
C TRP B 5 14.23 10.00 -5.01
N PHE B 6 13.11 9.28 -4.95
CA PHE B 6 12.99 7.99 -5.63
C PHE B 6 12.39 8.23 -7.01
N SER B 7 12.98 7.65 -8.05
CA SER B 7 12.46 7.79 -9.41
C SER B 7 12.14 6.42 -10.02
N GLU B 8 10.96 6.33 -10.65
CA GLU B 8 10.46 5.10 -11.23
C GLU B 8 10.67 5.09 -12.74
N PHE B 9 11.68 4.35 -13.19
CA PHE B 9 11.97 4.18 -14.63
C PHE B 9 11.67 2.76 -15.03
N SER B 10 11.27 2.58 -16.28
CA SER B 10 11.01 1.25 -16.84
C SER B 10 10.96 1.25 -18.37
N ILE B 11 11.48 0.22 -18.94
CA ILE B 11 11.29 -0.09 -20.35
C ILE B 11 9.81 -0.26 -20.67
N MET B 12 8.97 -0.52 -19.76
N MET B 12 8.95 -0.56 -19.79
CA MET B 12 7.53 -0.63 -19.96
CA MET B 12 7.50 -0.63 -20.03
C MET B 12 6.84 0.75 -20.11
C MET B 12 6.84 0.76 -20.16
N TRP B 13 7.55 1.80 -19.73
CA TRP B 13 7.08 3.19 -19.94
C TRP B 13 8.26 4.10 -20.35
N PRO B 14 8.80 3.86 -21.55
CA PRO B 14 10.01 4.58 -21.95
C PRO B 14 9.78 6.08 -22.12
N GLY B 15 10.81 6.86 -21.79
CA GLY B 15 10.74 8.29 -22.02
C GLY B 15 9.97 9.09 -20.97
N GLN B 16 9.46 8.41 -19.95
CA GLN B 16 8.77 9.10 -18.85
C GLN B 16 9.16 8.51 -17.49
N ALA B 17 8.98 9.30 -16.44
CA ALA B 17 9.27 8.83 -15.07
C ALA B 17 8.47 9.65 -14.09
N PHE B 18 8.07 9.00 -12.99
CA PHE B 18 7.45 9.66 -11.85
C PHE B 18 8.41 9.55 -10.65
N SER B 19 8.54 10.63 -9.89
CA SER B 19 9.42 10.65 -8.72
C SER B 19 8.68 11.10 -7.46
N LEU B 20 9.07 10.51 -6.33
CA LEU B 20 8.58 10.90 -5.01
C LEU B 20 9.76 11.26 -4.12
N LYS B 21 9.62 12.37 -3.42
CA LYS B 21 10.66 12.78 -2.46
C LYS B 21 10.66 11.85 -1.25
N ILE B 22 11.87 11.46 -0.83
CA ILE B 22 12.05 10.47 0.24
C ILE B 22 12.23 11.18 1.58
N LYS B 23 11.35 10.88 2.54
CA LYS B 23 11.52 11.37 3.91
C LYS B 23 12.55 10.50 4.62
N LYS B 24 12.36 9.19 4.55
CA LYS B 24 13.36 8.23 5.06
C LYS B 24 13.14 6.84 4.49
N ILE B 25 14.25 6.12 4.29
CA ILE B 25 14.21 4.71 3.87
C ILE B 25 13.90 3.85 5.09
N LEU B 26 12.92 2.93 4.96
CA LEU B 26 12.55 2.07 6.07
C LEU B 26 13.16 0.67 6.01
N TYR B 27 13.20 0.08 4.82
CA TYR B 27 13.67 -1.29 4.64
C TYR B 27 14.04 -1.57 3.21
N GLU B 28 15.16 -2.27 3.02
CA GLU B 28 15.57 -2.75 1.70
C GLU B 28 16.09 -4.16 1.84
N THR B 29 15.64 -5.06 0.98
CA THR B 29 16.18 -6.43 0.94
C THR B 29 16.01 -7.00 -0.45
N LYS B 30 16.69 -8.11 -0.72
CA LYS B 30 16.46 -8.87 -1.94
C LYS B 30 15.87 -10.22 -1.55
N SER B 31 14.62 -10.46 -1.94
CA SER B 31 13.99 -11.76 -1.71
C SER B 31 14.46 -12.74 -2.80
N LYS B 32 14.02 -13.99 -2.72
CA LYS B 32 14.29 -14.95 -3.80
C LYS B 32 13.77 -14.49 -5.16
N TYR B 33 12.78 -13.57 -5.15
CA TYR B 33 12.04 -13.22 -6.35
C TYR B 33 12.26 -11.81 -6.88
N GLN B 34 12.56 -10.87 -5.98
CA GLN B 34 12.62 -9.45 -6.36
C GLN B 34 13.26 -8.58 -5.30
N ASN B 35 13.69 -7.40 -5.71
CA ASN B 35 14.21 -6.37 -4.81
C ASN B 35 13.06 -5.65 -4.13
N VAL B 36 13.16 -5.47 -2.82
CA VAL B 36 12.10 -4.88 -2.01
C VAL B 36 12.64 -3.59 -1.39
N LEU B 37 11.90 -2.51 -1.58
CA LEU B 37 12.24 -1.22 -0.99
C LEU B 37 10.98 -0.68 -0.33
N VAL B 38 11.13 -0.25 0.91
CA VAL B 38 10.06 0.45 1.62
C VAL B 38 10.60 1.80 2.09
N PHE B 39 9.90 2.87 1.75
CA PHE B 39 10.32 4.18 2.24
C PHE B 39 9.13 5.03 2.61
N GLU B 40 9.34 5.96 3.54
CA GLU B 40 8.35 6.98 3.80
C GLU B 40 8.62 8.13 2.84
N SER B 41 7.65 8.43 1.98
CA SER B 41 7.74 9.61 1.13
C SER B 41 7.31 10.86 1.92
N THR B 42 7.62 12.04 1.40
CA THR B 42 7.29 13.29 2.09
C THR B 42 5.78 13.64 1.97
N THR B 43 5.15 13.21 0.88
CA THR B 43 3.75 13.63 0.66
C THR B 43 2.74 12.49 0.36
N TYR B 44 3.22 11.28 0.05
CA TYR B 44 2.31 10.15 -0.27
C TYR B 44 2.30 9.04 0.80
N GLY B 45 2.87 9.34 1.97
CA GLY B 45 2.97 8.32 3.01
C GLY B 45 3.99 7.25 2.67
N LYS B 46 3.83 6.08 3.28
CA LYS B 46 4.73 4.97 3.00
C LYS B 46 4.50 4.37 1.62
N VAL B 47 5.60 3.95 1.00
CA VAL B 47 5.63 3.47 -0.40
C VAL B 47 6.32 2.11 -0.47
N LEU B 48 5.69 1.16 -1.17
CA LEU B 48 6.26 -0.16 -1.40
C LEU B 48 6.74 -0.23 -2.85
N VAL B 49 7.99 -0.64 -3.02
CA VAL B 49 8.63 -0.67 -4.35
C VAL B 49 9.21 -2.08 -4.57
N LEU B 50 8.85 -2.68 -5.69
CA LEU B 50 9.38 -4.00 -6.03
C LEU B 50 10.03 -3.93 -7.38
N ASP B 51 11.28 -4.40 -7.44
CA ASP B 51 12.13 -4.23 -8.63
C ASP B 51 12.03 -2.83 -9.24
N GLY B 52 12.11 -1.78 -8.41
CA GLY B 52 12.13 -0.41 -8.90
C GLY B 52 10.79 0.12 -9.39
N VAL B 53 9.73 -0.66 -9.25
CA VAL B 53 8.37 -0.28 -9.67
C VAL B 53 7.48 -0.03 -8.43
N ILE B 54 6.78 1.11 -8.41
CA ILE B 54 5.87 1.42 -7.31
C ILE B 54 4.70 0.43 -7.29
N GLN B 55 4.57 -0.26 -6.16
CA GLN B 55 3.52 -1.23 -5.98
C GLN B 55 2.32 -0.61 -5.33
N LEU B 56 2.57 0.23 -4.32
CA LEU B 56 1.49 1.00 -3.69
C LEU B 56 2.03 2.17 -2.88
N THR B 57 1.16 3.13 -2.61
CA THR B 57 1.41 4.15 -1.59
C THR B 57 0.20 4.25 -0.67
N GLU B 58 0.42 4.72 0.54
CA GLU B 58 -0.66 4.87 1.53
C GLU B 58 -1.72 5.88 1.04
N LYS B 59 -1.26 6.89 0.30
CA LYS B 59 -2.11 8.00 -0.07
C LYS B 59 -3.23 7.57 -1.02
N ASP B 60 -2.93 6.70 -1.97
CA ASP B 60 -3.91 6.41 -3.05
C ASP B 60 -4.25 4.93 -3.24
N GLU B 61 -3.69 4.04 -2.43
CA GLU B 61 -3.89 2.59 -2.70
C GLU B 61 -5.36 2.19 -2.69
N PHE B 62 -6.17 2.92 -1.89
CA PHE B 62 -7.60 2.56 -1.78
C PHE B 62 -8.29 2.65 -3.13
N ALA B 63 -7.83 3.53 -4.04
CA ALA B 63 -8.49 3.63 -5.36
C ALA B 63 -8.41 2.31 -6.12
N TYR B 64 -7.22 1.72 -6.17
CA TYR B 64 -7.03 0.47 -6.88
C TYR B 64 -7.68 -0.70 -6.13
N HIS B 65 -7.42 -0.79 -4.82
CA HIS B 65 -7.96 -1.93 -4.06
C HIS B 65 -9.47 -1.97 -4.02
N GLU B 66 -10.10 -0.80 -3.89
CA GLU B 66 -11.56 -0.73 -3.85
C GLU B 66 -12.17 -1.06 -5.20
N MET B 67 -11.64 -0.48 -6.29
CA MET B 67 -12.24 -0.77 -7.61
C MET B 67 -12.03 -2.24 -8.02
N MET B 68 -10.83 -2.78 -7.80
CA MET B 68 -10.54 -4.17 -8.15
C MET B 68 -11.45 -5.14 -7.39
N THR B 69 -11.80 -4.79 -6.16
CA THR B 69 -12.64 -5.71 -5.33
C THR B 69 -14.15 -5.54 -5.52
N HIS B 70 -14.60 -4.29 -5.41
CA HIS B 70 -16.03 -4.02 -5.32
C HIS B 70 -16.73 -4.09 -6.66
N VAL B 71 -15.99 -3.93 -7.75
CA VAL B 71 -16.59 -4.19 -9.07
C VAL B 71 -17.14 -5.65 -9.18
N PRO B 72 -16.27 -6.67 -9.08
CA PRO B 72 -16.82 -8.03 -9.14
C PRO B 72 -17.71 -8.43 -7.96
N MET B 73 -17.41 -7.89 -6.77
CA MET B 73 -18.10 -8.38 -5.55
C MET B 73 -19.49 -7.78 -5.38
N THR B 74 -19.82 -6.76 -6.17
CA THR B 74 -21.18 -6.23 -6.15
C THR B 74 -21.97 -6.79 -7.32
N VAL B 75 -21.30 -7.61 -8.15
CA VAL B 75 -21.98 -8.31 -9.27
C VAL B 75 -22.21 -9.79 -8.95
N SER B 76 -21.17 -10.48 -8.49
CA SER B 76 -21.31 -11.86 -8.01
C SER B 76 -22.40 -11.95 -6.93
N LYS B 77 -23.30 -12.90 -7.10
CA LYS B 77 -24.38 -13.09 -6.15
C LYS B 77 -23.95 -14.12 -5.11
N GLU B 78 -23.91 -13.69 -3.85
CA GLU B 78 -23.58 -14.59 -2.74
C GLU B 78 -22.28 -15.42 -2.97
N PRO B 79 -21.16 -14.75 -3.32
CA PRO B 79 -19.90 -15.48 -3.53
C PRO B 79 -19.44 -16.17 -2.23
N LYS B 80 -19.03 -17.42 -2.34
CA LYS B 80 -18.62 -18.21 -1.19
C LYS B 80 -17.10 -18.38 -1.15
N ASN B 81 -16.49 -18.50 -2.33
CA ASN B 81 -15.05 -18.75 -2.43
C ASN B 81 -14.43 -17.72 -3.36
N VAL B 82 -13.44 -17.01 -2.86
CA VAL B 82 -12.77 -15.98 -3.67
C VAL B 82 -11.27 -16.22 -3.60
N LEU B 83 -10.59 -16.08 -4.74
CA LEU B 83 -9.15 -16.20 -4.79
C LEU B 83 -8.54 -14.86 -5.18
N VAL B 84 -7.48 -14.49 -4.46
CA VAL B 84 -6.62 -13.38 -4.84
C VAL B 84 -5.30 -13.96 -5.37
N VAL B 85 -4.98 -13.64 -6.61
CA VAL B 85 -3.72 -14.01 -7.25
C VAL B 85 -2.80 -12.80 -7.05
N GLY B 86 -1.62 -13.03 -6.46
CA GLY B 86 -0.73 -11.93 -6.03
C GLY B 86 -1.23 -11.35 -4.72
N GLY B 87 -1.30 -10.02 -4.64
CA GLY B 87 -1.90 -9.32 -3.48
C GLY B 87 -1.30 -9.58 -2.10
N GLY B 88 -0.01 -9.89 -2.07
CA GLY B 88 0.67 -10.12 -0.79
C GLY B 88 0.59 -8.93 0.16
N ASP B 89 0.50 -7.72 -0.38
CA ASP B 89 0.37 -6.54 0.49
C ASP B 89 -0.93 -6.56 1.35
N GLY B 90 -1.95 -7.29 0.88
CA GLY B 90 -3.19 -7.48 1.61
C GLY B 90 -4.36 -6.53 1.28
N GLY B 91 -4.13 -5.58 0.41
CA GLY B 91 -5.14 -4.54 0.12
C GLY B 91 -6.47 -5.15 -0.37
N ILE B 92 -6.38 -6.08 -1.31
CA ILE B 92 -7.58 -6.78 -1.80
C ILE B 92 -8.25 -7.60 -0.69
N ILE B 93 -7.46 -8.38 0.05
CA ILE B 93 -7.99 -9.11 1.22
C ILE B 93 -8.74 -8.18 2.17
N ARG B 94 -8.19 -7.00 2.44
CA ARG B 94 -8.86 -6.04 3.33
C ARG B 94 -10.28 -5.68 2.84
N GLU B 95 -10.38 -5.43 1.53
CA GLU B 95 -11.69 -5.12 0.93
C GLU B 95 -12.64 -6.33 0.92
N LEU B 96 -12.09 -7.51 0.67
CA LEU B 96 -12.90 -8.74 0.62
C LEU B 96 -13.50 -9.09 1.98
N CYS B 97 -12.75 -8.83 3.06
CA CYS B 97 -13.21 -9.20 4.41
C CYS B 97 -14.50 -8.47 4.80
N LYS B 98 -14.79 -7.36 4.10
CA LYS B 98 -15.96 -6.55 4.39
C LYS B 98 -17.24 -7.31 4.02
N TYR B 99 -17.11 -8.37 3.20
CA TYR B 99 -18.26 -9.17 2.78
C TYR B 99 -18.44 -10.30 3.77
N LYS B 100 -19.41 -10.17 4.66
CA LYS B 100 -19.58 -11.21 5.69
C LYS B 100 -19.99 -12.60 5.15
N SER B 101 -20.66 -12.64 3.99
CA SER B 101 -21.15 -13.88 3.33
C SER B 101 -20.04 -14.76 2.75
N VAL B 102 -18.87 -14.20 2.47
CA VAL B 102 -17.79 -15.01 1.92
C VAL B 102 -17.34 -16.04 2.96
N GLU B 103 -17.12 -17.27 2.50
CA GLU B 103 -16.69 -18.34 3.41
C GLU B 103 -15.17 -18.53 3.44
N ASN B 104 -14.53 -18.51 2.27
CA ASN B 104 -13.11 -18.76 2.17
C ASN B 104 -12.49 -17.71 1.28
N ILE B 105 -11.45 -17.07 1.79
CA ILE B 105 -10.67 -16.10 1.02
C ILE B 105 -9.29 -16.72 0.87
N ASP B 106 -9.02 -17.24 -0.32
CA ASP B 106 -7.73 -17.86 -0.59
C ASP B 106 -6.85 -16.81 -1.26
N ILE B 107 -5.57 -16.76 -0.88
CA ILE B 107 -4.61 -15.90 -1.54
C ILE B 107 -3.36 -16.69 -1.95
N CYS B 108 -2.92 -16.50 -3.19
CA CYS B 108 -1.76 -17.19 -3.69
C CYS B 108 -0.75 -16.12 -4.12
N GLU B 109 0.23 -15.88 -3.26
CA GLU B 109 1.29 -14.89 -3.47
C GLU B 109 2.65 -15.59 -3.63
N ILE B 110 3.43 -15.20 -4.63
CA ILE B 110 4.71 -15.89 -4.90
C ILE B 110 5.78 -15.63 -3.83
N ASP B 111 5.77 -14.42 -3.28
CA ASP B 111 6.88 -13.89 -2.48
C ASP B 111 6.44 -13.61 -1.04
N GLU B 112 6.72 -14.56 -0.15
CA GLU B 112 6.30 -14.45 1.25
C GLU B 112 6.87 -13.19 1.95
N THR B 113 8.01 -12.69 1.48
CA THR B 113 8.63 -11.46 2.01
C THR B 113 7.71 -10.25 1.89
N VAL B 114 6.92 -10.22 0.82
CA VAL B 114 6.00 -9.09 0.60
C VAL B 114 4.97 -9.07 1.72
N ILE B 115 4.44 -10.24 2.07
CA ILE B 115 3.45 -10.35 3.13
C ILE B 115 4.07 -9.87 4.46
N GLU B 116 5.28 -10.36 4.75
CA GLU B 116 6.00 -10.01 5.98
C GLU B 116 6.21 -8.49 6.08
N VAL B 117 6.73 -7.91 5.02
CA VAL B 117 6.96 -6.47 4.98
C VAL B 117 5.66 -5.61 5.11
N SER B 118 4.58 -6.06 4.48
CA SER B 118 3.31 -5.34 4.56
CA SER B 118 3.31 -5.34 4.56
C SER B 118 2.71 -5.41 5.98
N LYS B 119 2.84 -6.55 6.64
CA LYS B 119 2.40 -6.70 8.03
C LYS B 119 3.15 -5.76 9.00
N ILE B 120 4.41 -5.50 8.71
CA ILE B 120 5.28 -4.64 9.56
C ILE B 120 5.12 -3.14 9.26
N TYR B 121 5.12 -2.79 7.98
CA TYR B 121 5.16 -1.39 7.54
C TYR B 121 3.82 -0.85 7.03
N PHE B 122 2.88 -1.73 6.70
CA PHE B 122 1.62 -1.27 6.12
C PHE B 122 0.43 -1.87 6.83
N LYS B 123 0.32 -1.57 8.12
CA LYS B 123 -0.72 -2.18 8.96
C LYS B 123 -2.15 -1.92 8.54
N ASN B 124 -2.42 -0.72 7.99
CA ASN B 124 -3.76 -0.36 7.51
C ASN B 124 -4.15 -1.07 6.21
N ILE B 125 -3.16 -1.72 5.59
CA ILE B 125 -3.37 -2.45 4.34
C ILE B 125 -3.43 -3.96 4.57
N SER B 126 -2.57 -4.45 5.47
CA SER B 126 -2.40 -5.87 5.72
C SER B 126 -3.30 -6.42 6.85
N CYS B 127 -4.17 -5.57 7.37
CA CYS B 127 -5.01 -5.93 8.54
C CYS B 127 -5.94 -7.14 8.36
N GLY B 128 -6.32 -7.40 7.11
CA GLY B 128 -7.23 -8.51 6.76
C GLY B 128 -6.66 -9.90 6.98
N TYR B 129 -5.33 -10.01 7.09
CA TYR B 129 -4.69 -11.31 7.33
C TYR B 129 -5.15 -11.93 8.65
N GLU B 130 -5.59 -11.08 9.57
CA GLU B 130 -6.14 -11.55 10.86
C GLU B 130 -7.50 -12.26 10.77
N ASP B 131 -8.20 -12.08 9.64
CA ASP B 131 -9.51 -12.70 9.46
C ASP B 131 -9.33 -14.21 9.34
N LYS B 132 -10.11 -14.97 10.12
CA LYS B 132 -9.98 -16.42 10.18
C LYS B 132 -10.34 -17.12 8.86
N ARG B 133 -11.02 -16.42 7.95
CA ARG B 133 -11.42 -17.01 6.68
C ARG B 133 -10.28 -16.97 5.64
N VAL B 134 -9.18 -16.29 5.96
CA VAL B 134 -8.07 -16.08 5.01
C VAL B 134 -7.08 -17.26 5.05
N ASN B 135 -6.86 -17.86 3.89
CA ASN B 135 -5.93 -18.97 3.74
C ASN B 135 -4.83 -18.55 2.78
N VAL B 136 -3.58 -18.64 3.24
CA VAL B 136 -2.45 -18.12 2.49
C VAL B 136 -1.66 -19.25 1.84
N PHE B 137 -1.39 -19.10 0.55
CA PHE B 137 -0.57 -20.04 -0.21
C PHE B 137 0.61 -19.33 -0.86
N ILE B 138 1.81 -19.88 -0.65
CA ILE B 138 3.01 -19.28 -1.18
C ILE B 138 3.45 -20.10 -2.38
N GLU B 139 3.17 -19.59 -3.57
CA GLU B 139 3.31 -20.35 -4.83
C GLU B 139 3.18 -19.38 -6.02
N ASP B 140 3.81 -19.71 -7.15
CA ASP B 140 3.52 -19.01 -8.41
C ASP B 140 2.06 -19.34 -8.69
N ALA B 141 1.23 -18.32 -8.85
CA ALA B 141 -0.19 -18.55 -9.14
C ALA B 141 -0.46 -19.41 -10.37
N SER B 142 0.43 -19.32 -11.36
CA SER B 142 0.35 -20.12 -12.57
C SER B 142 0.36 -21.61 -12.23
N LYS B 143 1.17 -21.98 -11.24
CA LYS B 143 1.27 -23.36 -10.76
C LYS B 143 0.05 -23.71 -9.88
N PHE B 144 -0.32 -22.77 -9.01
CA PHE B 144 -1.43 -22.98 -8.08
C PHE B 144 -2.74 -23.29 -8.82
N LEU B 145 -2.98 -22.56 -9.91
CA LEU B 145 -4.22 -22.69 -10.68
C LEU B 145 -4.32 -23.91 -11.61
N GLU B 146 -3.18 -24.54 -11.91
CA GLU B 146 -3.24 -25.66 -12.86
C GLU B 146 -4.02 -26.87 -12.30
N ASN B 147 -4.07 -26.92 -10.97
N ASN B 147 -4.10 -26.94 -10.97
CA ASN B 147 -4.75 -27.98 -10.22
CA ASN B 147 -4.81 -28.04 -10.31
C ASN B 147 -6.28 -27.77 -10.24
C ASN B 147 -5.97 -27.56 -9.43
N VAL B 148 -6.68 -26.53 -9.94
CA VAL B 148 -8.02 -26.20 -9.45
C VAL B 148 -9.06 -26.05 -10.57
N THR B 149 -10.23 -26.63 -10.34
CA THR B 149 -11.33 -26.52 -11.30
C THR B 149 -12.63 -26.26 -10.54
N ASN B 150 -13.47 -25.40 -11.10
CA ASN B 150 -14.85 -25.24 -10.64
C ASN B 150 -14.95 -24.90 -9.15
N THR B 151 -14.10 -23.98 -8.70
CA THR B 151 -13.96 -23.66 -7.29
C THR B 151 -14.41 -22.23 -6.94
N TYR B 152 -13.89 -21.25 -7.67
CA TYR B 152 -14.05 -19.85 -7.23
C TYR B 152 -15.21 -19.12 -7.88
N ASP B 153 -15.92 -18.32 -7.07
CA ASP B 153 -16.94 -17.45 -7.58
C ASP B 153 -16.35 -16.18 -8.18
N VAL B 154 -15.23 -15.74 -7.60
CA VAL B 154 -14.51 -14.55 -8.08
C VAL B 154 -13.01 -14.81 -7.96
N ILE B 155 -12.26 -14.47 -9.01
CA ILE B 155 -10.80 -14.49 -8.94
C ILE B 155 -10.31 -13.07 -9.27
N ILE B 156 -9.48 -12.51 -8.39
CA ILE B 156 -8.93 -11.17 -8.56
C ILE B 156 -7.43 -11.30 -8.79
N VAL B 157 -6.98 -10.95 -9.99
CA VAL B 157 -5.56 -11.06 -10.34
C VAL B 157 -4.88 -9.72 -10.06
N ASP B 158 -4.35 -9.64 -8.84
CA ASP B 158 -3.71 -8.45 -8.33
C ASP B 158 -2.23 -8.67 -8.54
N SER B 159 -1.81 -8.56 -9.80
CA SER B 159 -0.44 -8.86 -10.19
CA SER B 159 -0.43 -8.84 -10.13
C SER B 159 0.35 -7.59 -10.51
N SER B 160 1.66 -7.71 -10.46
CA SER B 160 2.54 -6.67 -10.94
C SER B 160 2.59 -6.71 -12.48
N ASP B 161 3.56 -6.01 -13.06
CA ASP B 161 3.67 -5.84 -14.50
C ASP B 161 4.22 -7.10 -15.21
N PRO B 162 3.99 -7.23 -16.54
CA PRO B 162 4.42 -8.45 -17.27
C PRO B 162 5.94 -8.72 -17.30
N ILE B 163 6.78 -7.75 -16.93
CA ILE B 163 8.19 -8.07 -16.70
C ILE B 163 8.46 -8.28 -15.20
N GLY B 164 9.00 -9.45 -14.88
CA GLY B 164 9.20 -9.86 -13.49
C GLY B 164 8.38 -11.11 -13.18
N PRO B 165 8.16 -11.42 -11.89
CA PRO B 165 7.43 -12.65 -11.49
C PRO B 165 6.03 -12.81 -12.11
N ALA B 166 5.38 -11.69 -12.47
CA ALA B 166 4.03 -11.72 -13.03
C ALA B 166 3.99 -12.15 -14.51
N GLU B 167 5.16 -12.37 -15.11
CA GLU B 167 5.26 -12.78 -16.52
C GLU B 167 4.40 -14.01 -16.86
N THR B 168 4.27 -14.92 -15.89
CA THR B 168 3.48 -16.14 -16.04
C THR B 168 1.96 -15.89 -16.09
N LEU B 169 1.56 -14.65 -15.80
CA LEU B 169 0.13 -14.29 -15.66
C LEU B 169 -0.42 -13.48 -16.82
N PHE B 170 0.42 -13.18 -17.81
CA PHE B 170 -0.03 -12.37 -18.95
C PHE B 170 0.00 -13.17 -20.25
N ASN B 171 -0.71 -14.30 -20.25
CA ASN B 171 -0.78 -15.18 -21.42
C ASN B 171 -2.07 -16.00 -21.54
N GLN B 172 -2.26 -16.61 -22.71
CA GLN B 172 -3.47 -17.35 -23.02
C GLN B 172 -3.67 -18.53 -22.07
N ASN B 173 -2.57 -19.23 -21.79
CA ASN B 173 -2.61 -20.42 -20.92
C ASN B 173 -3.12 -20.06 -19.53
N PHE B 174 -2.69 -18.90 -19.03
CA PHE B 174 -3.14 -18.48 -17.70
C PHE B 174 -4.65 -18.28 -17.67
N TYR B 175 -5.17 -17.63 -18.71
CA TYR B 175 -6.63 -17.39 -18.81
C TYR B 175 -7.45 -18.68 -18.96
N GLU B 176 -6.88 -19.69 -19.61
CA GLU B 176 -7.51 -21.02 -19.61
C GLU B 176 -7.63 -21.54 -18.18
N LYS B 177 -6.55 -21.41 -17.40
CA LYS B 177 -6.52 -21.88 -16.02
C LYS B 177 -7.56 -21.13 -15.19
N ILE B 178 -7.62 -19.81 -15.37
CA ILE B 178 -8.63 -18.98 -14.68
CA ILE B 178 -8.62 -18.97 -14.70
C ILE B 178 -10.04 -19.45 -15.01
N TYR B 179 -10.34 -19.60 -16.30
CA TYR B 179 -11.66 -20.01 -16.75
C TYR B 179 -12.06 -21.34 -16.08
N ASN B 180 -11.14 -22.31 -16.12
CA ASN B 180 -11.41 -23.62 -15.54
CA ASN B 180 -11.35 -23.64 -15.54
C ASN B 180 -11.56 -23.62 -14.03
N ALA B 181 -10.82 -22.74 -13.35
CA ALA B 181 -10.85 -22.63 -11.87
C ALA B 181 -12.13 -21.97 -11.36
N LEU B 182 -12.74 -21.16 -12.21
CA LEU B 182 -14.01 -20.50 -11.86
C LEU B 182 -15.21 -21.43 -11.93
N LYS B 183 -16.20 -21.16 -11.06
CA LYS B 183 -17.53 -21.73 -11.17
C LYS B 183 -18.18 -21.36 -12.53
N PRO B 184 -19.24 -22.07 -12.94
CA PRO B 184 -19.89 -21.79 -14.24
C PRO B 184 -20.37 -20.34 -14.42
N ASN B 185 -20.64 -19.66 -13.30
CA ASN B 185 -21.07 -18.26 -13.29
C ASN B 185 -20.04 -17.34 -12.62
N GLY B 186 -18.78 -17.80 -12.56
CA GLY B 186 -17.70 -17.07 -11.87
C GLY B 186 -17.20 -15.88 -12.70
N TYR B 187 -16.51 -14.97 -12.02
CA TYR B 187 -15.97 -13.76 -12.66
C TYR B 187 -14.48 -13.65 -12.35
N CYS B 188 -13.72 -13.08 -13.29
CA CYS B 188 -12.35 -12.72 -13.01
C CYS B 188 -12.12 -11.25 -13.37
N VAL B 189 -11.41 -10.54 -12.50
CA VAL B 189 -10.91 -9.20 -12.83
C VAL B 189 -9.39 -9.25 -12.71
N ALA B 190 -8.69 -8.54 -13.58
CA ALA B 190 -7.22 -8.59 -13.54
C ALA B 190 -6.61 -7.22 -13.82
N GLN B 191 -5.52 -6.90 -13.11
CA GLN B 191 -4.74 -5.67 -13.37
C GLN B 191 -4.31 -5.68 -14.84
N CYS B 192 -4.56 -4.59 -15.57
CA CYS B 192 -4.39 -4.62 -17.03
C CYS B 192 -4.00 -3.25 -17.58
N GLU B 193 -3.08 -2.64 -16.86
CA GLU B 193 -2.17 -1.59 -17.35
C GLU B 193 -2.81 -0.29 -17.78
N SER B 194 -2.06 0.59 -18.46
CA SER B 194 -2.57 1.95 -18.67
C SER B 194 -2.99 2.17 -20.11
N LEU B 195 -4.21 2.65 -20.31
CA LEU B 195 -4.67 2.95 -21.67
C LEU B 195 -3.87 4.05 -22.39
N TRP B 196 -3.06 4.81 -21.64
CA TRP B 196 -2.28 5.87 -22.28
C TRP B 196 -1.01 5.38 -22.96
N ILE B 197 -0.55 4.20 -22.56
CA ILE B 197 0.74 3.71 -23.06
C ILE B 197 0.82 2.23 -23.42
N HIS B 198 -0.16 1.45 -23.00
CA HIS B 198 -0.11 -0.01 -23.09
C HIS B 198 -1.24 -0.59 -23.95
N VAL B 199 -1.71 0.14 -24.97
CA VAL B 199 -2.89 -0.34 -25.73
C VAL B 199 -2.63 -1.71 -26.39
N GLY B 200 -1.38 -1.94 -26.82
CA GLY B 200 -0.97 -3.25 -27.36
C GLY B 200 -1.18 -4.40 -26.39
N THR B 201 -0.72 -4.25 -25.15
CA THR B 201 -0.93 -5.23 -24.09
C THR B 201 -2.42 -5.43 -23.81
N ILE B 202 -3.16 -4.31 -23.72
CA ILE B 202 -4.61 -4.36 -23.48
C ILE B 202 -5.36 -5.17 -24.55
N LYS B 203 -5.07 -4.90 -25.81
CA LYS B 203 -5.66 -5.65 -26.92
C LYS B 203 -5.31 -7.13 -26.85
N ASN B 204 -4.04 -7.43 -26.55
CA ASN B 204 -3.59 -8.83 -26.39
C ASN B 204 -4.36 -9.54 -25.29
N MET B 205 -4.45 -8.89 -24.13
CA MET B 205 -5.14 -9.46 -22.97
C MET B 205 -6.65 -9.65 -23.24
N ILE B 206 -7.29 -8.66 -23.85
CA ILE B 206 -8.70 -8.79 -24.22
C ILE B 206 -8.87 -9.98 -25.18
N GLY B 207 -7.96 -10.11 -26.16
CA GLY B 207 -7.97 -11.26 -27.07
C GLY B 207 -7.90 -12.61 -26.36
N TYR B 208 -6.96 -12.76 -25.41
CA TYR B 208 -6.80 -14.00 -24.65
C TYR B 208 -8.09 -14.33 -23.90
N ALA B 209 -8.69 -13.30 -23.30
CA ALA B 209 -9.89 -13.53 -22.51
C ALA B 209 -11.09 -13.84 -23.42
N LYS B 210 -11.17 -13.18 -24.58
CA LYS B 210 -12.33 -13.35 -25.46
C LYS B 210 -12.42 -14.76 -26.07
N LYS B 211 -11.31 -15.49 -26.08
CA LYS B 211 -11.31 -16.86 -26.60
C LYS B 211 -12.07 -17.81 -25.68
N LEU B 212 -12.22 -17.40 -24.42
CA LEU B 212 -12.79 -18.26 -23.39
C LEU B 212 -14.08 -17.72 -22.78
N PHE B 213 -14.08 -16.41 -22.48
CA PHE B 213 -15.20 -15.79 -21.77
C PHE B 213 -16.25 -15.15 -22.68
N LYS B 214 -17.51 -15.26 -22.28
CA LYS B 214 -18.65 -14.72 -23.05
C LYS B 214 -18.68 -13.20 -23.11
N LYS B 215 -18.25 -12.56 -22.04
CA LYS B 215 -18.22 -11.10 -21.99
C LYS B 215 -16.89 -10.62 -21.39
N VAL B 216 -16.20 -9.76 -22.12
CA VAL B 216 -14.91 -9.21 -21.67
C VAL B 216 -14.97 -7.68 -21.79
N GLU B 217 -14.71 -7.00 -20.69
CA GLU B 217 -14.90 -5.55 -20.59
C GLU B 217 -13.64 -4.97 -19.98
N TYR B 218 -13.50 -3.66 -20.04
CA TYR B 218 -12.29 -3.01 -19.56
C TYR B 218 -12.71 -1.74 -18.83
N ALA B 219 -12.19 -1.55 -17.61
CA ALA B 219 -12.51 -0.37 -16.79
C ALA B 219 -11.23 0.36 -16.45
N ASN B 220 -11.34 1.68 -16.19
CA ASN B 220 -10.18 2.48 -15.84
C ASN B 220 -10.30 3.06 -14.44
N ILE B 221 -9.17 3.10 -13.72
CA ILE B 221 -9.08 3.65 -12.36
C ILE B 221 -8.10 4.83 -12.30
N SER B 222 -8.52 5.94 -11.68
CA SER B 222 -7.64 7.10 -11.47
C SER B 222 -6.79 6.80 -10.25
N ILE B 223 -5.48 6.82 -10.42
CA ILE B 223 -4.54 6.56 -9.30
C ILE B 223 -3.16 7.13 -9.63
N PRO B 224 -2.72 8.15 -8.92
CA PRO B 224 -1.65 8.99 -9.43
C PRO B 224 -0.28 8.33 -9.46
N THR B 225 -0.05 7.36 -8.58
CA THR B 225 1.29 6.73 -8.46
C THR B 225 1.53 5.46 -9.30
N TYR B 226 0.60 5.13 -10.19
CA TYR B 226 0.85 4.18 -11.30
C TYR B 226 1.13 4.99 -12.56
N PRO B 227 2.00 4.47 -13.44
CA PRO B 227 2.41 5.23 -14.62
C PRO B 227 1.22 5.77 -15.41
N CYS B 228 1.31 7.05 -15.78
CA CYS B 228 0.26 7.79 -16.48
C CYS B 228 -0.96 8.11 -15.60
N GLY B 229 -0.89 7.76 -14.32
CA GLY B 229 -1.91 8.17 -13.34
C GLY B 229 -3.19 7.37 -13.45
N CYS B 230 -3.16 6.22 -14.13
CA CYS B 230 -4.35 5.36 -14.22
C CYS B 230 -3.93 3.94 -14.45
N ILE B 231 -4.81 3.00 -14.10
CA ILE B 231 -4.57 1.60 -14.44
C ILE B 231 -5.91 0.96 -14.70
N GLY B 232 -5.90 -0.07 -15.56
CA GLY B 232 -7.12 -0.69 -16.02
C GLY B 232 -7.46 -1.99 -15.30
N ILE B 233 -8.71 -2.39 -15.44
CA ILE B 233 -9.16 -3.67 -14.94
C ILE B 233 -9.72 -4.44 -16.14
N LEU B 234 -9.12 -5.58 -16.46
CA LEU B 234 -9.70 -6.50 -17.44
C LEU B 234 -10.76 -7.34 -16.74
N CYS B 235 -11.99 -7.30 -17.25
CA CYS B 235 -13.16 -7.88 -16.60
C CYS B 235 -13.75 -9.02 -17.43
N CYS B 236 -13.76 -10.22 -16.85
CA CYS B 236 -14.12 -11.44 -17.57
C CYS B 236 -15.32 -12.10 -16.92
N SER B 237 -16.38 -12.32 -17.72
CA SER B 237 -17.63 -12.91 -17.23
C SER B 237 -17.99 -14.11 -18.10
N LYS B 238 -18.53 -15.15 -17.47
CA LYS B 238 -19.04 -16.31 -18.21
C LYS B 238 -20.49 -16.10 -18.63
N THR B 239 -21.14 -15.18 -17.98
CA THR B 239 -22.45 -14.72 -18.37
C THR B 239 -22.43 -13.60 -19.42
N ASP B 240 -23.52 -13.42 -20.14
CA ASP B 240 -23.58 -12.33 -21.12
C ASP B 240 -23.91 -10.96 -20.50
N THR B 241 -24.30 -10.95 -19.22
CA THR B 241 -24.62 -9.70 -18.50
C THR B 241 -23.39 -8.86 -18.04
N GLY B 242 -22.24 -9.52 -17.88
CA GLY B 242 -20.98 -8.81 -17.61
C GLY B 242 -20.87 -8.09 -16.27
N LEU B 243 -19.91 -7.16 -16.16
CA LEU B 243 -19.49 -6.59 -14.87
C LEU B 243 -19.72 -5.08 -14.71
N THR B 244 -20.40 -4.45 -15.68
CA THR B 244 -20.54 -2.99 -15.66
C THR B 244 -21.64 -2.45 -14.74
N LYS B 245 -22.56 -3.31 -14.30
CA LYS B 245 -23.70 -2.86 -13.49
C LYS B 245 -23.77 -3.64 -12.17
N PRO B 246 -23.59 -2.94 -11.04
CA PRO B 246 -23.70 -3.66 -9.76
C PRO B 246 -25.14 -4.12 -9.50
N ASN B 247 -25.27 -5.30 -8.88
CA ASN B 247 -26.55 -5.89 -8.44
C ASN B 247 -26.87 -5.51 -7.00
N LYS B 248 -25.88 -4.95 -6.31
CA LYS B 248 -26.10 -4.63 -4.90
C LYS B 248 -25.44 -3.31 -4.53
N LYS B 249 -26.01 -2.63 -3.53
CA LYS B 249 -25.42 -1.41 -3.00
C LYS B 249 -24.74 -1.75 -1.70
N LEU B 250 -23.56 -1.18 -1.52
CA LEU B 250 -22.74 -1.40 -0.32
C LEU B 250 -23.16 -0.46 0.80
N GLU B 251 -24.24 -0.85 1.47
CA GLU B 251 -24.88 0.01 2.45
C GLU B 251 -24.58 -0.39 3.91
N SER B 252 -24.03 -1.59 4.11
CA SER B 252 -23.77 -2.06 5.48
C SER B 252 -22.58 -1.34 6.13
N LYS B 253 -22.51 -1.43 7.45
CA LYS B 253 -21.51 -0.70 8.24
C LYS B 253 -20.05 -0.94 7.81
N GLU B 254 -19.75 -2.14 7.30
CA GLU B 254 -18.39 -2.51 6.88
C GLU B 254 -17.90 -1.66 5.70
N PHE B 255 -18.84 -1.06 4.97
CA PHE B 255 -18.50 -0.31 3.75
C PHE B 255 -18.65 1.20 3.91
N ALA B 256 -18.94 1.66 5.13
CA ALA B 256 -19.17 3.09 5.39
C ALA B 256 -17.95 3.95 5.03
N ASP B 257 -16.80 3.32 5.16
CA ASP B 257 -15.51 3.92 5.14
C ASP B 257 -14.91 4.02 3.72
N LEU B 258 -15.62 3.53 2.70
CA LEU B 258 -15.01 3.50 1.35
C LEU B 258 -14.59 4.91 0.92
N LYS B 259 -13.44 5.01 0.25
CA LYS B 259 -12.89 6.29 -0.12
C LYS B 259 -12.90 6.56 -1.62
N TYR B 260 -13.18 5.53 -2.43
CA TYR B 260 -13.28 5.74 -3.87
C TYR B 260 -14.52 5.15 -4.50
N TYR B 261 -14.72 3.83 -4.33
CA TYR B 261 -15.80 3.13 -4.99
C TYR B 261 -17.18 3.64 -4.50
N ASN B 262 -18.08 3.84 -5.45
CA ASN B 262 -19.49 3.92 -5.14
C ASN B 262 -20.34 3.35 -6.29
N TYR B 263 -21.64 3.24 -6.04
CA TYR B 263 -22.57 2.67 -7.01
C TYR B 263 -22.44 3.33 -8.39
N GLU B 264 -22.40 4.64 -8.41
CA GLU B 264 -22.33 5.38 -9.67
C GLU B 264 -20.97 5.26 -10.37
N ASN B 265 -19.89 5.33 -9.62
CA ASN B 265 -18.63 5.28 -10.34
C ASN B 265 -18.20 3.90 -10.79
N HIS B 266 -18.87 2.87 -10.27
CA HIS B 266 -18.73 1.49 -10.78
C HIS B 266 -18.94 1.46 -12.30
N SER B 267 -20.12 1.90 -12.74
CA SER B 267 -20.45 1.89 -14.17
CA SER B 267 -20.45 1.88 -14.17
C SER B 267 -19.64 2.94 -14.96
N ALA B 268 -19.35 4.08 -14.32
CA ALA B 268 -18.61 5.15 -14.98
C ALA B 268 -17.21 4.72 -15.38
N ALA B 269 -16.60 3.81 -14.59
CA ALA B 269 -15.25 3.34 -14.84
C ALA B 269 -15.09 2.65 -16.20
N PHE B 270 -16.21 2.15 -16.75
CA PHE B 270 -16.22 1.44 -18.02
C PHE B 270 -16.49 2.34 -19.23
N LYS B 271 -16.64 3.65 -18.97
CA LYS B 271 -16.84 4.60 -20.07
C LYS B 271 -15.48 5.16 -20.44
N LEU B 272 -14.94 4.60 -21.54
CA LEU B 272 -13.55 4.78 -21.91
C LEU B 272 -13.37 5.86 -22.98
N PRO B 273 -12.19 6.52 -23.01
CA PRO B 273 -11.89 7.49 -24.08
C PRO B 273 -12.20 6.92 -25.47
N ALA B 274 -12.76 7.77 -26.34
CA ALA B 274 -13.16 7.35 -27.69
C ALA B 274 -12.04 6.57 -28.42
N PHE B 275 -10.79 7.00 -28.26
CA PHE B 275 -9.69 6.35 -29.02
C PHE B 275 -9.52 4.90 -28.60
N LEU B 276 -9.75 4.63 -27.32
CA LEU B 276 -9.56 3.28 -26.80
C LEU B 276 -10.68 2.38 -27.28
N LEU B 277 -11.92 2.88 -27.21
CA LEU B 277 -13.08 2.19 -27.76
C LEU B 277 -12.83 1.76 -29.20
N LYS B 278 -12.29 2.67 -29.99
CA LYS B 278 -11.98 2.37 -31.38
C LYS B 278 -10.95 1.24 -31.50
N GLU B 279 -9.88 1.31 -30.70
CA GLU B 279 -8.83 0.28 -30.71
C GLU B 279 -9.32 -1.11 -30.30
N ILE B 280 -10.26 -1.17 -29.36
CA ILE B 280 -10.71 -2.47 -28.85
C ILE B 280 -12.00 -2.98 -29.52
N GLU B 281 -12.53 -2.20 -30.46
CA GLU B 281 -13.67 -2.60 -31.30
C GLU B 281 -13.32 -3.61 -32.38
N ASN B 282 -12.07 -3.67 -32.77
CA ASN B 282 -11.60 -2.97 -33.92
C ASN B 282 -10.09 -3.07 -33.99
N LYS C 3 20.79 11.31 -23.42
CA LYS C 3 19.79 12.41 -23.47
C LYS C 3 19.51 13.01 -22.09
N LYS C 4 19.04 14.26 -22.09
CA LYS C 4 18.63 14.95 -20.87
C LYS C 4 17.15 14.68 -20.60
N TRP C 5 16.74 14.97 -19.38
CA TRP C 5 15.32 14.86 -19.00
C TRP C 5 14.79 16.21 -18.53
N PHE C 6 13.53 16.48 -18.86
CA PHE C 6 12.84 17.60 -18.28
C PHE C 6 12.03 17.10 -17.07
N SER C 7 12.13 17.78 -15.93
CA SER C 7 11.33 17.40 -14.75
C SER C 7 10.50 18.56 -14.27
N GLU C 8 9.25 18.25 -13.92
CA GLU C 8 8.28 19.27 -13.61
C GLU C 8 8.11 19.40 -12.10
N PHE C 9 8.72 20.44 -11.53
CA PHE C 9 8.63 20.67 -10.09
C PHE C 9 7.75 21.88 -9.85
N SER C 10 7.00 21.84 -8.74
CA SER C 10 6.21 23.00 -8.32
C SER C 10 5.85 22.93 -6.85
N ILE C 11 5.84 24.08 -6.18
CA ILE C 11 5.27 24.15 -4.82
C ILE C 11 3.79 23.77 -4.77
N MET C 12 3.12 23.76 -5.93
CA MET C 12 1.71 23.38 -6.02
CA MET C 12 1.71 23.39 -6.00
C MET C 12 1.53 21.85 -5.99
N TRP C 13 2.63 21.13 -6.17
CA TRP C 13 2.63 19.67 -6.03
C TRP C 13 3.89 19.21 -5.31
N PRO C 14 4.01 19.54 -4.01
CA PRO C 14 5.27 19.27 -3.31
C PRO C 14 5.56 17.78 -3.20
N GLY C 15 6.85 17.42 -3.29
CA GLY C 15 7.26 16.03 -3.09
C GLY C 15 6.98 15.02 -4.18
N GLN C 16 6.56 15.51 -5.36
CA GLN C 16 6.37 14.64 -6.52
C GLN C 16 6.86 15.37 -7.75
N ALA C 17 7.18 14.59 -8.79
CA ALA C 17 7.57 15.18 -10.08
C ALA C 17 7.37 14.17 -11.17
N PHE C 18 6.83 14.67 -12.28
CA PHE C 18 6.80 13.93 -13.52
C PHE C 18 7.95 14.39 -14.44
N SER C 19 8.57 13.45 -15.13
CA SER C 19 9.68 13.77 -16.04
C SER C 19 9.48 13.19 -17.43
N LEU C 20 9.97 13.91 -18.43
CA LEU C 20 9.96 13.47 -19.83
C LEU C 20 11.36 13.56 -20.42
N LYS C 21 11.78 12.49 -21.09
CA LYS C 21 13.05 12.47 -21.82
C LYS C 21 13.00 13.42 -23.01
N ILE C 22 14.06 14.22 -23.17
CA ILE C 22 14.13 15.24 -24.19
C ILE C 22 14.82 14.67 -25.44
N LYS C 23 14.16 14.76 -26.60
CA LYS C 23 14.81 14.40 -27.86
C LYS C 23 15.63 15.62 -28.30
N LYS C 24 14.99 16.77 -28.32
CA LYS C 24 15.70 18.03 -28.55
C LYS C 24 14.94 19.27 -28.09
N ILE C 25 15.69 20.25 -27.60
CA ILE C 25 15.13 21.54 -27.25
C ILE C 25 14.88 22.34 -28.53
N LEU C 26 13.67 22.89 -28.65
CA LEU C 26 13.26 23.63 -29.84
C LEU C 26 13.31 25.15 -29.68
N TYR C 27 12.92 25.63 -28.51
CA TYR C 27 12.79 27.07 -28.27
C TYR C 27 12.76 27.40 -26.79
N GLU C 28 13.45 28.49 -26.44
CA GLU C 28 13.42 29.00 -25.07
C GLU C 28 13.47 30.50 -25.12
N THR C 29 12.61 31.16 -24.36
CA THR C 29 12.59 32.61 -24.27
C THR C 29 11.91 33.01 -22.97
N LYS C 30 12.13 34.24 -22.54
CA LYS C 30 11.43 34.80 -21.41
C LYS C 30 10.50 35.89 -21.97
N SER C 31 9.19 35.70 -21.85
CA SER C 31 8.24 36.70 -22.32
C SER C 31 8.10 37.82 -21.27
N LYS C 32 7.21 38.77 -21.51
CA LYS C 32 6.85 39.77 -20.49
C LYS C 32 6.29 39.13 -19.22
N TYR C 33 5.73 37.93 -19.35
CA TYR C 33 4.95 37.29 -18.26
C TYR C 33 5.54 36.02 -17.64
N GLN C 34 6.29 35.26 -18.42
CA GLN C 34 6.71 33.92 -17.99
C GLN C 34 7.82 33.34 -18.85
N ASN C 35 8.52 32.35 -18.30
CA ASN C 35 9.53 31.59 -19.04
C ASN C 35 8.87 30.59 -19.99
N VAL C 36 9.29 30.61 -21.25
CA VAL C 36 8.72 29.74 -22.28
C VAL C 36 9.77 28.71 -22.70
N LEU C 37 9.36 27.43 -22.67
CA LEU C 37 10.21 26.34 -23.17
C LEU C 37 9.39 25.43 -24.09
N VAL C 38 9.93 25.15 -25.28
CA VAL C 38 9.36 24.14 -26.18
C VAL C 38 10.41 23.08 -26.45
N PHE C 39 10.04 21.82 -26.26
CA PHE C 39 10.95 20.75 -26.62
C PHE C 39 10.25 19.56 -27.26
N GLU C 40 10.99 18.80 -28.05
CA GLU C 40 10.48 17.54 -28.54
C GLU C 40 10.87 16.44 -27.55
N SER C 41 9.87 15.81 -26.93
CA SER C 41 10.10 14.68 -26.03
C SER C 41 10.27 13.41 -26.85
N THR C 42 10.85 12.38 -26.25
CA THR C 42 11.04 11.13 -26.97
C THR C 42 9.74 10.34 -27.20
N THR C 43 8.75 10.48 -26.32
CA THR C 43 7.55 9.64 -26.46
C THR C 43 6.19 10.36 -26.40
N TYR C 44 6.21 11.64 -26.05
CA TYR C 44 4.96 12.43 -26.01
C TYR C 44 4.85 13.54 -27.08
N GLY C 45 5.75 13.50 -28.07
CA GLY C 45 5.79 14.55 -29.08
C GLY C 45 6.28 15.87 -28.53
N LYS C 46 5.92 16.97 -29.18
CA LYS C 46 6.35 18.27 -28.69
C LYS C 46 5.59 18.67 -27.41
N VAL C 47 6.29 19.38 -26.56
CA VAL C 47 5.78 19.77 -25.22
C VAL C 47 6.00 21.28 -25.03
N LEU C 48 4.97 21.96 -24.51
CA LEU C 48 5.06 23.38 -24.21
C LEU C 48 5.12 23.54 -22.69
N VAL C 49 6.09 24.32 -22.22
CA VAL C 49 6.32 24.52 -20.80
C VAL C 49 6.35 26.01 -20.49
N LEU C 50 5.58 26.39 -19.50
CA LEU C 50 5.52 27.78 -19.05
C LEU C 50 5.83 27.89 -17.56
N ASP C 51 6.83 28.67 -17.21
CA ASP C 51 7.39 28.72 -15.85
C ASP C 51 7.63 27.33 -15.26
N GLY C 52 8.20 26.43 -16.06
CA GLY C 52 8.55 25.08 -15.56
C GLY C 52 7.38 24.10 -15.40
N VAL C 53 6.18 24.51 -15.83
CA VAL C 53 4.96 23.71 -15.73
C VAL C 53 4.52 23.26 -17.13
N ILE C 54 4.28 21.96 -17.30
CA ILE C 54 3.75 21.41 -18.58
C ILE C 54 2.38 22.00 -18.88
N GLN C 55 2.30 22.70 -20.01
CA GLN C 55 1.03 23.27 -20.49
C GLN C 55 0.31 22.27 -21.36
N LEU C 56 1.06 21.54 -22.18
CA LEU C 56 0.45 20.49 -23.01
C LEU C 56 1.53 19.65 -23.69
N THR C 57 1.10 18.48 -24.17
CA THR C 57 1.95 17.67 -25.04
C THR C 57 1.12 17.24 -26.23
N GLU C 58 1.77 16.96 -27.35
CA GLU C 58 1.02 16.55 -28.53
C GLU C 58 0.24 15.26 -28.30
N LYS C 59 0.77 14.38 -27.46
CA LYS C 59 0.24 13.01 -27.36
C LYS C 59 -1.14 13.00 -26.68
N ASP C 60 -1.36 13.88 -25.71
CA ASP C 60 -2.59 13.74 -24.85
C ASP C 60 -3.43 15.02 -24.77
N GLU C 61 -3.01 16.08 -25.45
CA GLU C 61 -3.70 17.37 -25.30
C GLU C 61 -5.20 17.28 -25.64
N PHE C 62 -5.56 16.34 -26.54
CA PHE C 62 -6.96 16.24 -26.96
C PHE C 62 -7.87 15.89 -25.79
N ALA C 63 -7.35 15.19 -24.78
CA ALA C 63 -8.19 14.82 -23.61
C ALA C 63 -8.74 16.07 -22.89
N TYR C 64 -7.85 17.00 -22.59
CA TYR C 64 -8.20 18.23 -21.93
C TYR C 64 -9.01 19.15 -22.86
N HIS C 65 -8.52 19.37 -24.08
CA HIS C 65 -9.23 20.33 -24.95
C HIS C 65 -10.60 19.85 -25.37
N GLU C 66 -10.78 18.55 -25.54
CA GLU C 66 -12.08 18.03 -25.94
C GLU C 66 -13.07 18.09 -24.79
N MET C 67 -12.66 17.66 -23.60
CA MET C 67 -13.60 17.68 -22.45
C MET C 67 -13.98 19.11 -22.05
N MET C 68 -13.00 20.02 -22.02
CA MET C 68 -13.23 21.41 -21.64
C MET C 68 -14.20 22.10 -22.60
N THR C 69 -14.12 21.74 -23.88
CA THR C 69 -14.93 22.41 -24.91
C THR C 69 -16.31 21.75 -25.05
N HIS C 70 -16.33 20.43 -25.20
CA HIS C 70 -17.54 19.74 -25.61
C HIS C 70 -18.54 19.52 -24.46
N VAL C 71 -18.07 19.55 -23.21
CA VAL C 71 -19.03 19.49 -22.10
C VAL C 71 -20.03 20.70 -22.18
N PRO C 72 -19.54 21.94 -22.12
CA PRO C 72 -20.51 23.06 -22.18
C PRO C 72 -21.17 23.21 -23.56
N MET C 73 -20.44 22.88 -24.63
CA MET C 73 -20.98 23.16 -25.98
C MET C 73 -22.07 22.19 -26.43
N THR C 74 -22.14 21.01 -25.79
CA THR C 74 -23.24 20.08 -26.05
C THR C 74 -24.46 20.30 -25.12
N VAL C 75 -24.29 21.13 -24.10
CA VAL C 75 -25.40 21.44 -23.19
C VAL C 75 -26.09 22.75 -23.60
N SER C 76 -25.28 23.77 -23.85
CA SER C 76 -25.81 25.04 -24.37
C SER C 76 -26.56 24.71 -25.66
N LYS C 77 -27.80 25.19 -25.74
CA LYS C 77 -28.72 24.84 -26.84
C LYS C 77 -28.24 25.37 -28.20
N GLU C 78 -28.06 26.67 -28.29
CA GLU C 78 -27.65 27.32 -29.53
C GLU C 78 -26.54 28.34 -29.21
N PRO C 79 -25.36 27.87 -28.75
CA PRO C 79 -24.31 28.85 -28.40
C PRO C 79 -23.83 29.57 -29.67
N LYS C 80 -23.84 30.90 -29.64
CA LYS C 80 -23.43 31.71 -30.81
C LYS C 80 -22.16 32.50 -30.56
N ASN C 81 -22.01 32.98 -29.31
CA ASN C 81 -20.86 33.80 -28.94
C ASN C 81 -20.15 33.12 -27.78
N VAL C 82 -18.89 32.77 -27.98
CA VAL C 82 -18.15 32.04 -26.95
C VAL C 82 -16.86 32.78 -26.63
N LEU C 83 -16.52 32.86 -25.34
CA LEU C 83 -15.23 33.41 -24.91
C LEU C 83 -14.28 32.33 -24.39
N VAL C 84 -13.03 32.36 -24.85
CA VAL C 84 -11.96 31.57 -24.25
C VAL C 84 -11.09 32.51 -23.40
N VAL C 85 -11.01 32.24 -22.11
CA VAL C 85 -10.06 32.94 -21.24
C VAL C 85 -8.80 32.09 -21.18
N GLY C 86 -7.63 32.71 -21.42
CA GLY C 86 -6.37 31.97 -21.61
C GLY C 86 -6.34 31.42 -23.02
N GLY C 87 -6.06 30.12 -23.15
CA GLY C 87 -6.21 29.42 -24.44
C GLY C 87 -5.23 29.84 -25.53
N GLY C 88 -4.13 30.51 -25.18
CA GLY C 88 -3.16 31.00 -26.21
C GLY C 88 -2.72 29.93 -27.19
N ASP C 89 -2.58 28.69 -26.72
CA ASP C 89 -2.13 27.61 -27.60
C ASP C 89 -3.13 27.27 -28.73
N GLY C 90 -4.39 27.68 -28.56
CA GLY C 90 -5.43 27.46 -29.55
C GLY C 90 -6.24 26.18 -29.43
N GLY C 91 -5.88 25.30 -28.50
CA GLY C 91 -6.58 23.99 -28.42
C GLY C 91 -8.11 24.12 -28.28
N ILE C 92 -8.55 24.96 -27.33
CA ILE C 92 -10.01 25.17 -27.17
C ILE C 92 -10.61 25.78 -28.45
N ILE C 93 -9.92 26.78 -29.02
CA ILE C 93 -10.42 27.39 -30.27
C ILE C 93 -10.61 26.34 -31.36
N ARG C 94 -9.62 25.44 -31.52
CA ARG C 94 -9.74 24.34 -32.48
C ARG C 94 -11.05 23.53 -32.29
N GLU C 95 -11.35 23.17 -31.04
CA GLU C 95 -12.53 22.36 -30.78
C GLU C 95 -13.81 23.20 -31.04
N LEU C 96 -13.77 24.47 -30.66
CA LEU C 96 -14.91 25.37 -30.89
C LEU C 96 -15.22 25.55 -32.39
N CYS C 97 -14.18 25.63 -33.22
CA CYS C 97 -14.42 25.86 -34.64
C CYS C 97 -15.18 24.73 -35.32
N LYS C 98 -15.17 23.54 -34.70
CA LYS C 98 -15.89 22.39 -35.25
C LYS C 98 -17.41 22.61 -35.24
N TYR C 99 -17.86 23.57 -34.43
CA TYR C 99 -19.29 23.91 -34.36
C TYR C 99 -19.59 24.96 -35.42
N LYS C 100 -20.16 24.53 -36.54
CA LYS C 100 -20.45 25.46 -37.65
C LYS C 100 -21.41 26.57 -37.26
N SER C 101 -22.28 26.30 -36.27
CA SER C 101 -23.33 27.24 -35.86
C SER C 101 -22.81 28.39 -35.00
N VAL C 102 -21.62 28.23 -34.41
CA VAL C 102 -20.97 29.31 -33.67
C VAL C 102 -20.71 30.50 -34.59
N GLU C 103 -21.05 31.70 -34.13
CA GLU C 103 -20.89 32.93 -34.93
C GLU C 103 -19.65 33.72 -34.57
N ASN C 104 -19.24 33.65 -33.29
CA ASN C 104 -18.11 34.44 -32.84
C ASN C 104 -17.34 33.72 -31.73
N ILE C 105 -16.02 33.76 -31.82
CA ILE C 105 -15.17 33.21 -30.77
C ILE C 105 -14.20 34.31 -30.35
N ASP C 106 -14.34 34.79 -29.13
CA ASP C 106 -13.37 35.72 -28.58
C ASP C 106 -12.38 34.90 -27.77
N ILE C 107 -11.10 35.26 -27.85
CA ILE C 107 -10.08 34.68 -26.98
C ILE C 107 -9.25 35.79 -26.31
N CYS C 108 -9.07 35.67 -24.99
CA CYS C 108 -8.33 36.68 -24.25
C CYS C 108 -7.15 36.03 -23.54
N GLU C 109 -5.97 36.14 -24.16
CA GLU C 109 -4.74 35.50 -23.65
C GLU C 109 -3.81 36.62 -23.18
N ILE C 110 -3.24 36.45 -21.98
CA ILE C 110 -2.39 37.52 -21.41
C ILE C 110 -1.05 37.69 -22.14
N ASP C 111 -0.52 36.57 -22.65
CA ASP C 111 0.86 36.50 -23.15
C ASP C 111 0.86 36.21 -24.66
N GLU C 112 0.99 37.25 -25.48
CA GLU C 112 1.01 37.04 -26.93
C GLU C 112 2.12 36.12 -27.44
N THR C 113 3.21 35.99 -26.70
CA THR C 113 4.32 35.08 -27.06
C THR C 113 3.82 33.62 -27.13
N VAL C 114 2.87 33.26 -26.26
CA VAL C 114 2.31 31.91 -26.31
C VAL C 114 1.62 31.65 -27.67
N ILE C 115 0.86 32.61 -28.17
CA ILE C 115 0.18 32.45 -29.44
C ILE C 115 1.21 32.31 -30.58
N GLU C 116 2.23 33.17 -30.54
CA GLU C 116 3.33 33.16 -31.55
C GLU C 116 4.03 31.80 -31.57
N VAL C 117 4.38 31.30 -30.39
CA VAL C 117 5.06 30.02 -30.25
C VAL C 117 4.18 28.85 -30.71
N SER C 118 2.87 28.90 -30.42
CA SER C 118 1.97 27.84 -30.80
CA SER C 118 1.95 27.83 -30.81
C SER C 118 1.74 27.78 -32.32
N LYS C 119 1.79 28.95 -32.97
CA LYS C 119 1.69 28.99 -34.42
C LYS C 119 2.93 28.38 -35.08
N ILE C 120 4.07 28.54 -34.42
CA ILE C 120 5.35 28.02 -34.95
C ILE C 120 5.52 26.50 -34.71
N TYR C 121 5.29 26.07 -33.48
CA TYR C 121 5.61 24.70 -33.07
C TYR C 121 4.42 23.74 -32.86
N PHE C 122 3.18 24.24 -32.86
CA PHE C 122 2.00 23.41 -32.57
C PHE C 122 0.87 23.68 -33.56
N LYS C 123 1.17 23.57 -34.85
CA LYS C 123 0.20 23.88 -35.89
C LYS C 123 -1.08 23.03 -35.80
N ASN C 124 -0.99 21.80 -35.28
CA ASN C 124 -2.18 20.96 -35.14
C ASN C 124 -3.08 21.42 -33.99
N ILE C 125 -2.56 22.34 -33.18
CA ILE C 125 -3.31 22.85 -32.02
C ILE C 125 -3.78 24.28 -32.30
N SER C 126 -2.94 25.06 -33.00
CA SER C 126 -3.17 26.51 -33.23
C SER C 126 -3.87 26.83 -34.58
N CYS C 127 -4.32 25.78 -35.26
CA CYS C 127 -4.94 25.91 -36.59
C CYS C 127 -6.20 26.77 -36.64
N GLY C 128 -6.93 26.86 -35.53
CA GLY C 128 -8.17 27.64 -35.47
C GLY C 128 -7.98 29.16 -35.57
N TYR C 129 -6.77 29.65 -35.39
CA TYR C 129 -6.53 31.12 -35.50
C TYR C 129 -6.80 31.66 -36.91
N GLU C 130 -6.81 30.75 -37.89
CA GLU C 130 -7.14 31.11 -39.29
C GLU C 130 -8.64 31.28 -39.52
N ASP C 131 -9.46 30.85 -38.55
CA ASP C 131 -10.90 30.90 -38.71
C ASP C 131 -11.37 32.36 -38.56
N LYS C 132 -12.16 32.83 -39.54
CA LYS C 132 -12.63 34.24 -39.56
C LYS C 132 -13.52 34.66 -38.38
N ARG C 133 -14.05 33.67 -37.65
CA ARG C 133 -14.91 33.96 -36.49
C ARG C 133 -14.11 34.29 -35.22
N VAL C 134 -12.79 34.08 -35.28
CA VAL C 134 -11.91 34.19 -34.11
C VAL C 134 -11.34 35.58 -33.98
N ASN C 135 -11.50 36.15 -32.80
CA ASN C 135 -11.03 37.49 -32.47
C ASN C 135 -10.13 37.46 -31.23
N VAL C 136 -8.92 37.96 -31.40
CA VAL C 136 -7.89 37.80 -30.37
C VAL C 136 -7.71 39.09 -29.59
N PHE C 137 -7.68 38.95 -28.27
CA PHE C 137 -7.41 40.04 -27.33
C PHE C 137 -6.22 39.68 -26.46
N ILE C 138 -5.26 40.58 -26.38
CA ILE C 138 -4.09 40.36 -25.52
C ILE C 138 -4.21 41.20 -24.25
N GLU C 139 -4.62 40.56 -23.17
CA GLU C 139 -4.95 41.26 -21.92
C GLU C 139 -5.07 40.21 -20.81
N ASP C 140 -4.87 40.63 -19.57
CA ASP C 140 -5.28 39.81 -18.41
C ASP C 140 -6.80 39.68 -18.50
N ALA C 141 -7.34 38.46 -18.52
CA ALA C 141 -8.80 38.26 -18.64
C ALA C 141 -9.59 38.96 -17.52
N SER C 142 -8.96 39.11 -16.37
CA SER C 142 -9.60 39.77 -15.22
C SER C 142 -9.96 41.23 -15.57
N LYS C 143 -9.10 41.85 -16.37
CA LYS C 143 -9.31 43.22 -16.83
C LYS C 143 -10.27 43.28 -18.00
N PHE C 144 -10.09 42.35 -18.96
CA PHE C 144 -10.97 42.22 -20.11
C PHE C 144 -12.45 42.15 -19.74
N LEU C 145 -12.77 41.36 -18.73
CA LEU C 145 -14.15 41.15 -18.37
C LEU C 145 -14.76 42.23 -17.47
N GLU C 146 -13.98 43.22 -17.08
CA GLU C 146 -14.58 44.39 -16.43
C GLU C 146 -15.59 45.00 -17.38
N ASN C 147 -16.76 45.26 -16.90
CA ASN C 147 -17.73 45.91 -17.75
C ASN C 147 -18.09 45.19 -19.04
N VAL C 148 -17.95 43.87 -19.10
CA VAL C 148 -18.62 43.08 -20.12
C VAL C 148 -19.88 42.41 -19.56
N THR C 149 -21.01 42.61 -20.22
CA THR C 149 -22.29 42.19 -19.64
C THR C 149 -23.17 41.49 -20.66
N ASN C 150 -23.78 40.37 -20.27
CA ASN C 150 -24.88 39.75 -21.04
C ASN C 150 -24.45 39.47 -22.50
N THR C 151 -23.24 38.92 -22.68
CA THR C 151 -22.59 38.82 -23.98
C THR C 151 -22.38 37.38 -24.45
N TYR C 152 -21.93 36.51 -23.55
CA TYR C 152 -21.44 35.18 -23.96
C TYR C 152 -22.40 34.07 -23.57
N ASP C 153 -22.63 33.13 -24.50
CA ASP C 153 -23.38 31.92 -24.22
C ASP C 153 -22.58 30.93 -23.37
N VAL C 154 -21.27 30.90 -23.64
CA VAL C 154 -20.35 29.99 -22.95
C VAL C 154 -19.06 30.75 -22.69
N ILE C 155 -18.49 30.57 -21.50
CA ILE C 155 -17.13 31.06 -21.21
C ILE C 155 -16.28 29.87 -20.75
N ILE C 156 -15.15 29.67 -21.43
CA ILE C 156 -14.25 28.55 -21.09
C ILE C 156 -12.96 29.15 -20.54
N VAL C 157 -12.70 28.90 -19.26
CA VAL C 157 -11.51 29.41 -18.56
C VAL C 157 -10.42 28.36 -18.65
N ASP C 158 -9.64 28.49 -19.72
CA ASP C 158 -8.51 27.61 -20.01
C ASP C 158 -7.26 28.30 -19.48
N SER C 159 -7.09 28.27 -18.17
CA SER C 159 -5.98 29.02 -17.55
C SER C 159 -4.95 28.07 -16.97
N SER C 160 -3.75 28.61 -16.73
CA SER C 160 -2.74 27.89 -15.98
C SER C 160 -3.07 27.89 -14.47
N ASP C 161 -2.09 27.51 -13.65
CA ASP C 161 -2.27 27.31 -12.22
C ASP C 161 -2.35 28.65 -11.41
N PRO C 162 -2.89 28.59 -10.18
CA PRO C 162 -3.06 29.80 -9.35
C PRO C 162 -1.77 30.58 -9.04
N ILE C 163 -0.61 29.95 -9.19
CA ILE C 163 0.68 30.64 -9.02
C ILE C 163 1.25 31.02 -10.39
N GLY C 164 1.31 32.31 -10.66
CA GLY C 164 1.72 32.81 -11.96
C GLY C 164 0.68 33.80 -12.44
N PRO C 165 0.70 34.13 -13.75
CA PRO C 165 -0.26 35.11 -14.30
C PRO C 165 -1.73 34.74 -14.11
N ALA C 166 -2.05 33.46 -13.91
CA ALA C 166 -3.45 33.07 -13.68
C ALA C 166 -3.95 33.37 -12.26
N GLU C 167 -3.09 33.91 -11.40
CA GLU C 167 -3.51 34.23 -10.03
C GLU C 167 -4.77 35.10 -9.99
N THR C 168 -4.95 35.97 -10.98
CA THR C 168 -6.11 36.87 -11.01
C THR C 168 -7.43 36.17 -11.36
N LEU C 169 -7.36 34.87 -11.69
CA LEU C 169 -8.53 34.14 -12.19
C LEU C 169 -9.07 33.17 -11.16
N PHE C 170 -8.38 33.07 -10.02
CA PHE C 170 -8.78 32.12 -8.97
C PHE C 170 -9.29 32.85 -7.72
N ASN C 171 -10.37 33.62 -7.91
CA ASN C 171 -10.96 34.36 -6.79
C ASN C 171 -12.43 34.70 -7.06
N GLN C 172 -13.11 35.13 -6.00
CA GLN C 172 -14.53 35.43 -6.09
C GLN C 172 -14.83 36.54 -7.11
N ASN C 173 -13.98 37.56 -7.15
CA ASN C 173 -14.16 38.74 -7.99
C ASN C 173 -14.19 38.36 -9.47
N PHE C 174 -13.30 37.45 -9.85
CA PHE C 174 -13.28 37.00 -11.24
C PHE C 174 -14.61 36.29 -11.64
N TYR C 175 -15.11 35.49 -10.72
CA TYR C 175 -16.35 34.79 -10.94
C TYR C 175 -17.59 35.67 -11.01
N GLU C 176 -17.56 36.78 -10.28
CA GLU C 176 -18.61 37.80 -10.44
C GLU C 176 -18.59 38.38 -11.85
N LYS C 177 -17.40 38.63 -12.39
CA LYS C 177 -17.27 39.13 -13.76
C LYS C 177 -17.74 38.10 -14.78
N ILE C 178 -17.32 36.85 -14.61
CA ILE C 178 -17.80 35.76 -15.48
C ILE C 178 -19.33 35.73 -15.48
N TYR C 179 -19.91 35.73 -14.29
CA TYR C 179 -21.36 35.63 -14.15
C TYR C 179 -22.06 36.78 -14.90
N ASN C 180 -21.56 38.00 -14.70
CA ASN C 180 -22.13 39.21 -15.33
C ASN C 180 -21.98 39.19 -16.88
N ALA C 181 -20.85 38.67 -17.36
CA ALA C 181 -20.56 38.59 -18.79
C ALA C 181 -21.38 37.52 -19.56
N LEU C 182 -21.83 36.49 -18.84
CA LEU C 182 -22.69 35.45 -19.43
C LEU C 182 -24.09 35.97 -19.65
N LYS C 183 -24.74 35.44 -20.69
CA LYS C 183 -26.18 35.60 -20.93
C LYS C 183 -26.97 34.93 -19.78
N PRO C 184 -28.29 35.19 -19.70
CA PRO C 184 -29.08 34.70 -18.56
C PRO C 184 -29.05 33.18 -18.39
N ASN C 185 -28.91 32.44 -19.49
CA ASN C 185 -28.78 30.99 -19.43
C ASN C 185 -27.38 30.52 -19.85
N GLY C 186 -26.39 31.37 -19.64
CA GLY C 186 -25.02 31.05 -20.03
C GLY C 186 -24.35 30.03 -19.11
N TYR C 187 -23.25 29.43 -19.59
CA TYR C 187 -22.48 28.42 -18.85
C TYR C 187 -21.01 28.81 -18.79
N CYS C 188 -20.35 28.51 -17.67
CA CYS C 188 -18.91 28.64 -17.59
C CYS C 188 -18.29 27.33 -17.15
N VAL C 189 -17.23 26.95 -17.83
CA VAL C 189 -16.36 25.88 -17.32
C VAL C 189 -14.94 26.44 -17.12
N ALA C 190 -14.23 25.88 -16.15
CA ALA C 190 -12.91 26.38 -15.78
C ALA C 190 -11.96 25.25 -15.37
N GLN C 191 -10.70 25.38 -15.77
CA GLN C 191 -9.65 24.45 -15.31
C GLN C 191 -9.58 24.52 -13.79
N CYS C 192 -9.72 23.37 -13.12
CA CYS C 192 -9.86 23.39 -11.67
C CYS C 192 -9.14 22.20 -11.02
N GLU C 193 -7.94 21.93 -11.55
CA GLU C 193 -6.84 21.26 -10.82
C GLU C 193 -7.06 19.77 -10.53
N SER C 194 -6.18 19.16 -9.73
CA SER C 194 -6.23 17.70 -9.57
C SER C 194 -6.88 17.31 -8.23
N LEU C 195 -7.91 16.45 -8.31
CA LEU C 195 -8.60 15.97 -7.08
C LEU C 195 -7.71 15.19 -6.09
N TRP C 196 -6.55 14.73 -6.57
CA TRP C 196 -5.64 13.94 -5.73
C TRP C 196 -4.80 14.81 -4.79
N ILE C 197 -4.59 16.07 -5.15
CA ILE C 197 -3.70 16.95 -4.36
C ILE C 197 -4.22 18.38 -4.17
N HIS C 198 -5.28 18.75 -4.89
CA HIS C 198 -5.70 20.16 -4.87
C HIS C 198 -7.10 20.38 -4.28
N VAL C 199 -7.51 19.51 -3.36
CA VAL C 199 -8.85 19.63 -2.79
C VAL C 199 -9.08 21.01 -2.16
N GLY C 200 -8.05 21.61 -1.57
CA GLY C 200 -8.19 22.97 -1.00
C GLY C 200 -8.59 23.99 -2.05
N THR C 201 -7.91 23.94 -3.21
CA THR C 201 -8.23 24.84 -4.30
C THR C 201 -9.61 24.55 -4.86
N ILE C 202 -9.91 23.26 -5.06
CA ILE C 202 -11.22 22.84 -5.56
C ILE C 202 -12.38 23.33 -4.65
N LYS C 203 -12.25 23.15 -3.34
CA LYS C 203 -13.27 23.63 -2.41
C LYS C 203 -13.43 25.14 -2.48
N ASN C 204 -12.32 25.86 -2.54
CA ASN C 204 -12.37 27.34 -2.66
C ASN C 204 -13.12 27.77 -3.91
N MET C 205 -12.75 27.18 -5.05
CA MET C 205 -13.35 27.57 -6.32
C MET C 205 -14.84 27.19 -6.41
N ILE C 206 -15.19 25.98 -6.00
CA ILE C 206 -16.62 25.59 -5.94
C ILE C 206 -17.39 26.57 -5.04
N GLY C 207 -16.80 26.92 -3.91
CA GLY C 207 -17.40 27.90 -2.97
C GLY C 207 -17.69 29.23 -3.67
N TYR C 208 -16.69 29.75 -4.41
CA TYR C 208 -16.88 31.02 -5.14
C TYR C 208 -18.01 30.93 -6.16
N ALA C 209 -18.01 29.84 -6.93
CA ALA C 209 -19.01 29.67 -7.97
C ALA C 209 -20.42 29.55 -7.35
N LYS C 210 -20.51 28.90 -6.19
CA LYS C 210 -21.80 28.61 -5.54
C LYS C 210 -22.47 29.87 -4.98
N LYS C 211 -21.69 30.93 -4.77
CA LYS C 211 -22.26 32.20 -4.32
C LYS C 211 -23.10 32.85 -5.42
N LEU C 212 -22.86 32.44 -6.66
CA LEU C 212 -23.42 33.13 -7.83
C LEU C 212 -24.31 32.24 -8.67
N PHE C 213 -23.84 31.02 -8.97
CA PHE C 213 -24.51 30.13 -9.89
C PHE C 213 -25.44 29.18 -9.18
N LYS C 214 -26.58 28.92 -9.81
CA LYS C 214 -27.60 28.01 -9.29
C LYS C 214 -27.09 26.58 -9.18
N LYS C 215 -26.23 26.17 -10.11
CA LYS C 215 -25.76 24.78 -10.12
C LYS C 215 -24.26 24.76 -10.40
N VAL C 216 -23.50 24.10 -9.53
CA VAL C 216 -22.04 24.05 -9.63
C VAL C 216 -21.67 22.58 -9.46
N GLU C 217 -20.95 22.06 -10.45
CA GLU C 217 -20.59 20.65 -10.55
C GLU C 217 -19.10 20.55 -10.87
N TYR C 218 -18.58 19.35 -10.82
CA TYR C 218 -17.13 19.16 -11.05
C TYR C 218 -16.95 17.84 -11.81
N ALA C 219 -16.14 17.87 -12.86
CA ALA C 219 -15.86 16.71 -13.73
C ALA C 219 -14.35 16.44 -13.74
N ASN C 220 -13.97 15.18 -13.94
CA ASN C 220 -12.56 14.80 -13.95
C ASN C 220 -12.12 14.29 -15.34
N ILE C 221 -10.92 14.66 -15.76
CA ILE C 221 -10.37 14.27 -17.06
C ILE C 221 -9.10 13.43 -16.81
N SER C 222 -8.99 12.27 -17.46
CA SER C 222 -7.74 11.50 -17.44
C SER C 222 -6.76 12.08 -18.46
N ILE C 223 -5.59 12.51 -18.00
CA ILE C 223 -4.55 13.10 -18.88
C ILE C 223 -3.21 12.95 -18.19
N PRO C 224 -2.33 12.12 -18.75
CA PRO C 224 -1.15 11.67 -17.97
C PRO C 224 -0.12 12.76 -17.69
N THR C 225 -0.06 13.82 -18.51
CA THR C 225 1.03 14.80 -18.38
C THR C 225 0.63 16.05 -17.60
N TYR C 226 -0.52 16.02 -16.92
CA TYR C 226 -0.76 16.97 -15.82
C TYR C 226 -0.56 16.23 -14.49
N PRO C 227 -0.16 16.95 -13.43
CA PRO C 227 0.21 16.32 -12.16
C PRO C 227 -0.91 15.40 -11.64
N CYS C 228 -0.52 14.18 -11.22
CA CYS C 228 -1.43 13.13 -10.72
C CYS C 228 -2.21 12.45 -11.87
N GLY C 229 -1.94 12.87 -13.11
CA GLY C 229 -2.56 12.20 -14.26
C GLY C 229 -4.03 12.54 -14.50
N CYS C 230 -4.50 13.61 -13.86
CA CYS C 230 -5.87 14.05 -14.06
C CYS C 230 -6.02 15.52 -13.74
N ILE C 231 -7.02 16.13 -14.34
CA ILE C 231 -7.34 17.51 -14.03
C ILE C 231 -8.85 17.65 -14.14
N GLY C 232 -9.38 18.60 -13.38
CA GLY C 232 -10.84 18.77 -13.27
C GLY C 232 -11.38 19.97 -13.97
N ILE C 233 -12.70 19.97 -14.13
CA ILE C 233 -13.40 21.05 -14.76
C ILE C 233 -14.42 21.55 -13.74
N LEU C 234 -14.32 22.82 -13.37
CA LEU C 234 -15.37 23.47 -12.56
C LEU C 234 -16.50 23.85 -13.53
N CYS C 235 -17.72 23.39 -13.26
CA CYS C 235 -18.84 23.58 -14.18
C CYS C 235 -19.93 24.43 -13.53
N CYS C 236 -20.22 25.58 -14.16
CA CYS C 236 -21.10 26.58 -13.57
C CYS C 236 -22.28 26.84 -14.48
N SER C 237 -23.49 26.66 -13.95
CA SER C 237 -24.71 26.82 -14.73
C SER C 237 -25.62 27.82 -14.01
N LYS C 238 -26.26 28.68 -14.80
CA LYS C 238 -27.27 29.59 -14.25
C LYS C 238 -28.63 28.92 -14.16
N THR C 239 -28.76 27.77 -14.82
CA THR C 239 -29.96 26.92 -14.77
C THR C 239 -29.82 25.76 -13.76
N ASP C 240 -30.93 25.32 -13.15
CA ASP C 240 -30.87 24.21 -12.20
C ASP C 240 -30.49 22.85 -12.83
N THR C 241 -30.59 22.74 -14.15
CA THR C 241 -30.33 21.47 -14.84
C THR C 241 -28.83 21.08 -14.97
N GLY C 242 -27.95 22.07 -14.85
CA GLY C 242 -26.50 21.83 -14.84
C GLY C 242 -25.90 21.35 -16.15
N LEU C 243 -24.74 20.73 -16.04
CA LEU C 243 -23.88 20.47 -17.19
C LEU C 243 -23.59 18.97 -17.42
N THR C 244 -24.25 18.08 -16.69
CA THR C 244 -23.91 16.64 -16.71
C THR C 244 -24.60 15.87 -17.84
N LYS C 245 -25.63 16.44 -18.45
CA LYS C 245 -26.43 15.76 -19.49
C LYS C 245 -26.43 16.54 -20.81
N PRO C 246 -25.72 16.03 -21.84
CA PRO C 246 -25.70 16.75 -23.13
C PRO C 246 -27.08 16.80 -23.79
N ASN C 247 -27.33 17.91 -24.48
CA ASN C 247 -28.55 18.14 -25.26
C ASN C 247 -28.41 17.88 -26.76
N LYS C 248 -27.23 17.40 -27.15
CA LYS C 248 -26.90 17.11 -28.54
C LYS C 248 -25.76 16.08 -28.56
N LYS C 249 -25.59 15.40 -29.69
CA LYS C 249 -24.46 14.46 -29.85
C LYS C 249 -23.59 14.93 -30.97
N LEU C 250 -22.30 14.60 -30.87
CA LEU C 250 -21.30 15.05 -31.81
C LEU C 250 -21.04 13.95 -32.84
N GLU C 251 -21.93 13.86 -33.83
CA GLU C 251 -21.95 12.72 -34.78
C GLU C 251 -21.63 13.10 -36.23
N SER C 252 -21.64 14.39 -36.52
CA SER C 252 -21.41 14.91 -37.87
C SER C 252 -19.94 14.80 -38.25
N LYS C 253 -19.63 15.03 -39.53
CA LYS C 253 -18.26 14.87 -40.03
C LYS C 253 -17.24 15.80 -39.35
N GLU C 254 -17.71 16.96 -38.88
CA GLU C 254 -16.85 17.92 -38.20
C GLU C 254 -16.24 17.35 -36.92
N PHE C 255 -16.88 16.33 -36.37
CA PHE C 255 -16.48 15.71 -35.10
C PHE C 255 -15.89 14.32 -35.27
N ALA C 256 -15.65 13.93 -36.53
CA ALA C 256 -15.13 12.59 -36.82
C ALA C 256 -13.81 12.33 -36.10
N ASP C 257 -13.03 13.39 -35.87
CA ASP C 257 -11.67 13.24 -35.34
C ASP C 257 -11.56 13.16 -33.81
N LEU C 258 -12.70 13.15 -33.11
CA LEU C 258 -12.65 13.16 -31.63
C LEU C 258 -11.95 11.91 -31.12
N LYS C 259 -11.07 12.10 -30.14
CA LYS C 259 -10.25 11.01 -29.61
C LYS C 259 -10.54 10.70 -28.14
N TYR C 260 -11.27 11.56 -27.47
CA TYR C 260 -11.59 11.30 -26.06
C TYR C 260 -13.11 11.42 -25.80
N TYR C 261 -13.64 12.63 -26.04
CA TYR C 261 -15.02 12.93 -25.74
C TYR C 261 -16.02 12.05 -26.53
N ASN C 262 -17.07 11.57 -25.84
CA ASN C 262 -18.31 11.12 -26.47
C ASN C 262 -19.48 11.30 -25.51
N TYR C 263 -20.66 10.93 -25.98
CA TYR C 263 -21.88 11.17 -25.21
C TYR C 263 -21.85 10.54 -23.79
N GLU C 264 -21.41 9.29 -23.72
CA GLU C 264 -21.39 8.57 -22.43
C GLU C 264 -20.28 9.10 -21.52
N ASN C 265 -19.14 9.43 -22.12
CA ASN C 265 -17.98 9.95 -21.37
C ASN C 265 -18.25 11.29 -20.70
N HIS C 266 -19.10 12.08 -21.36
CA HIS C 266 -19.53 13.37 -20.83
C HIS C 266 -20.10 13.18 -19.42
N SER C 267 -21.12 12.34 -19.28
CA SER C 267 -21.76 12.15 -17.98
CA SER C 267 -21.76 12.18 -17.97
C SER C 267 -20.88 11.40 -16.98
N ALA C 268 -20.12 10.43 -17.47
CA ALA C 268 -19.23 9.60 -16.63
C ALA C 268 -18.19 10.47 -15.89
N ALA C 269 -17.76 11.55 -16.56
CA ALA C 269 -16.71 12.43 -15.99
C ALA C 269 -17.13 13.07 -14.67
N PHE C 270 -18.45 13.16 -14.45
CA PHE C 270 -18.97 13.79 -13.22
C PHE C 270 -19.18 12.80 -12.08
N LYS C 271 -18.87 11.52 -12.32
CA LYS C 271 -19.04 10.50 -11.30
C LYS C 271 -17.73 10.37 -10.52
N LEU C 272 -17.69 11.05 -9.40
CA LEU C 272 -16.41 11.36 -8.70
C LEU C 272 -16.12 10.34 -7.59
N PRO C 273 -14.82 10.18 -7.23
CA PRO C 273 -14.48 9.27 -6.12
C PRO C 273 -15.19 9.66 -4.81
N ALA C 274 -15.52 8.65 -3.99
CA ALA C 274 -16.25 8.90 -2.74
C ALA C 274 -15.60 10.00 -1.88
N PHE C 275 -14.25 10.02 -1.77
CA PHE C 275 -13.61 10.95 -0.82
C PHE C 275 -13.85 12.40 -1.24
N LEU C 276 -13.85 12.62 -2.55
CA LEU C 276 -14.03 13.98 -3.09
C LEU C 276 -15.48 14.44 -2.84
N LEU C 277 -16.45 13.55 -3.09
CA LEU C 277 -17.86 13.88 -2.79
C LEU C 277 -18.04 14.32 -1.32
N LYS C 278 -17.39 13.60 -0.40
CA LYS C 278 -17.46 13.90 1.04
C LYS C 278 -16.87 15.31 1.31
N GLU C 279 -15.76 15.65 0.64
CA GLU C 279 -15.14 16.97 0.78
C GLU C 279 -16.02 18.07 0.23
N ILE C 280 -16.67 17.80 -0.90
CA ILE C 280 -17.57 18.78 -1.55
C ILE C 280 -18.80 19.07 -0.67
N GLU C 281 -19.24 18.05 0.06
CA GLU C 281 -20.32 18.25 1.03
C GLU C 281 -19.96 19.22 2.18
N ASN C 282 -18.67 19.42 2.39
CA ASN C 282 -18.18 20.30 3.43
C ASN C 282 -17.79 21.69 2.94
N ILE C 283 -18.33 22.10 1.79
CA ILE C 283 -18.05 23.45 1.25
C ILE C 283 -19.09 24.46 1.69
N AAT D . 14.59 -14.15 24.32
CA AAT D . 14.28 -12.99 25.17
CB AAT D . 12.90 -13.03 25.26
CG AAT D . 12.01 -13.19 26.32
SD AAT D . 10.28 -13.25 26.00
C5' AAT D . 10.11 -14.09 24.35
C4' AAT D . 8.63 -14.17 23.81
O4' AAT D . 7.59 -14.76 24.64
C3' AAT D . 8.04 -12.79 23.40
O3' AAT D . 8.32 -12.61 22.01
C2' AAT D . 6.55 -12.94 23.69
O2' AAT D . 5.65 -12.46 22.64
C1' AAT D . 6.39 -14.47 23.85
N9 AAT D . 5.14 -14.89 24.56
C8 AAT D . 4.55 -14.26 25.57
N7 AAT D . 3.45 -14.92 25.94
C5 AAT D . 3.35 -15.99 25.15
C6 AAT D . 2.43 -17.04 25.07
N6 AAT D . 1.38 -17.10 25.90
N1 AAT D . 2.62 -17.98 24.13
C2 AAT D . 3.66 -17.92 23.30
N3 AAT D . 4.55 -16.94 23.35
C4 AAT D . 4.42 -15.96 24.27
C11 AAT D . 12.45 -13.20 27.78
C12 AAT D . 12.11 -11.81 28.37
C13 AAT D . 12.14 -11.80 29.91
C14 AAT D . 11.73 -10.43 30.51
C15 AAT D . 12.25 -10.27 31.96
N16 AAT D . 11.65 -9.08 32.58
C2 1PG E . 19.69 12.25 31.76
C1 1PG E . 21.34 13.37 33.06
O1 1PG E . 20.15 13.51 32.25
O2 1PG E . 17.86 10.66 31.91
C3 1PG E . 18.26 12.00 32.25
C4 1PG E . 16.67 10.24 32.59
C5 1PG E . 17.03 9.27 33.72
O3 1PG E . 15.95 8.37 34.00
C6 1PG E . 15.19 8.75 35.15
C7 1PG E . 14.12 7.69 35.42
O4 1PG E . 13.12 8.24 36.29
C8 1PG E . 12.14 9.00 35.58
C9 1PG E . 11.27 9.79 36.56
O5 1PG E . 10.11 10.26 35.87
C10 1PG E . 8.92 10.04 36.62
C11 1PG E . 7.71 10.47 35.80
O6 1PG E . 7.64 9.69 34.60
C1 GOL F . 31.04 -9.89 25.71
O1 GOL F . 32.07 -10.06 24.77
C2 GOL F . 31.13 -8.49 26.33
O2 GOL F . 31.08 -7.54 25.29
C3 GOL F . 29.93 -8.26 27.23
O3 GOL F . 30.01 -6.96 27.78
N AAT G . -1.72 -4.48 -4.53
CA AAT G . -0.74 -3.68 -5.30
CB AAT G . 0.02 -4.70 -5.87
CG AAT G . 0.23 -5.10 -7.19
SD AAT G . 1.21 -6.53 -7.47
C5' AAT G . 0.89 -7.59 -6.01
C4' AAT G . 1.79 -8.86 -5.93
O4' AAT G . 1.86 -9.70 -7.11
C3' AAT G . 3.28 -8.67 -5.53
O3' AAT G . 3.33 -8.94 -4.14
C2' AAT G . 3.98 -9.80 -6.31
O2' AAT G . 4.95 -10.52 -5.51
C1' AAT G . 2.80 -10.70 -6.69
N9 AAT G . 3.10 -11.62 -7.82
C8 AAT G . 3.82 -11.32 -8.92
N7 AAT G . 3.89 -12.40 -9.71
C5 AAT G . 3.21 -13.39 -9.11
C6 AAT G . 2.93 -14.71 -9.46
N6 AAT G . 3.39 -15.22 -10.60
N1 AAT G . 2.20 -15.46 -8.62
C2 AAT G . 1.73 -14.97 -7.48
N3 AAT G . 1.97 -13.71 -7.12
C4 AAT G . 2.71 -12.90 -7.91
C11 AAT G . -0.23 -4.26 -8.38
C12 AAT G . 1.01 -3.50 -8.89
C13 AAT G . 0.76 -2.84 -10.26
C14 AAT G . 1.96 -1.95 -10.70
C15 AAT G . 1.65 -1.15 -11.98
N16 AAT G . 2.89 -0.57 -12.57
C2 1PG H . 14.71 21.32 -6.89
C1 1PG H . 12.51 20.80 -6.14
O1 1PG H . 13.32 21.27 -7.23
O2 1PG H . 15.19 19.02 -7.38
C3 1PG H . 15.49 20.36 -7.78
C4 1PG H . 16.01 18.07 -8.05
C5 1PG H . 15.84 16.72 -7.36
O3 1PG H . 16.12 15.66 -8.26
C6 1PG H . 14.92 15.07 -8.75
C7 1PG H . 15.26 14.19 -9.95
O4 1PG H . 14.06 13.61 -10.49
C8 1PG H . 14.16 13.57 -11.91
C9 1PG H . 14.32 12.13 -12.37
O5 1PG H . 14.91 12.11 -13.67
C10 1PG H . 16.34 12.10 -13.60
C11 1PG H . 16.92 12.13 -15.00
O6 1PG H . 17.74 10.97 -15.19
C1 GOL I . -6.64 11.34 -1.29
O1 GOL I . -5.62 12.25 -1.59
C2 GOL I . -7.27 11.72 0.04
O2 GOL I . -6.23 11.82 1.00
C3 GOL I . -8.25 10.62 0.45
O3 GOL I . -8.98 11.02 1.60
N AAT J . -4.50 24.72 -23.09
CA AAT J . -3.45 24.20 -22.14
CB AAT J . -3.18 25.34 -21.40
CG AAT J . -3.45 25.80 -20.09
SD AAT J . -3.03 27.48 -19.62
C5' AAT J . -3.48 28.43 -21.11
C4' AAT J . -3.10 29.92 -21.07
O4' AAT J . -3.60 30.65 -19.92
C3' AAT J . -1.57 30.19 -21.05
O3' AAT J . -1.12 30.43 -22.41
C2' AAT J . -1.43 31.42 -20.09
O2' AAT J . -0.57 32.47 -20.56
C1' AAT J . -2.89 31.91 -20.04
N9 AAT J . -3.14 32.80 -18.88
C8 AAT J . -2.64 32.70 -17.63
N7 AAT J . -3.12 33.72 -16.88
C5 AAT J . -3.93 34.45 -17.65
C6 AAT J . -4.71 35.60 -17.44
N6 AAT J . -4.72 36.20 -16.23
N1 AAT J . -5.43 36.10 -18.46
C2 AAT J . -5.43 35.53 -19.66
N3 AAT J . -4.70 34.44 -19.92
C4 AAT J . -3.94 33.87 -18.93
C11 AAT J . -3.88 24.83 -19.01
C12 AAT J . -2.60 24.61 -18.14
C13 AAT J . -2.85 23.64 -16.99
C14 AAT J . -1.63 23.41 -16.06
C15 AAT J . -1.97 22.37 -14.95
N16 AAT J . -0.80 22.17 -14.06
C1 GOL K . -4.58 8.42 -29.07
O1 GOL K . -4.69 7.89 -30.39
C2 GOL K . -3.37 7.81 -28.37
O2 GOL K . -2.20 8.09 -29.10
C3 GOL K . -3.21 8.46 -27.00
O3 GOL K . -2.07 7.90 -26.39
#